data_1Y8F
#
_entry.id   1Y8F
#
loop_
_entity.id
_entity.type
_entity.pdbx_description
1 polymer 'Unc-13 homolog A'
2 non-polymer 'ZINC ION'
#
_entity_poly.entity_id   1
_entity_poly.type   'polypeptide(L)'
_entity_poly.pdbx_seq_one_letter_code
;GSPGISGGGGGIQHNFEVWTATTPTYCYECEGLLWGIARQGMRCTECGVKCHEKCQDLLNADCKLN
;
_entity_poly.pdbx_strand_id   A
#
# COMPACT_ATOMS: atom_id res chain seq x y z
N GLN A 13 -4.39 12.67 6.67
CA GLN A 13 -3.67 11.75 5.74
C GLN A 13 -3.67 10.32 6.27
N HIS A 14 -3.63 9.36 5.36
CA HIS A 14 -3.63 7.95 5.73
C HIS A 14 -2.35 7.59 6.47
N ASN A 15 -2.50 6.92 7.60
CA ASN A 15 -1.35 6.51 8.41
C ASN A 15 -0.69 5.28 7.79
N PHE A 16 -0.20 5.44 6.57
CA PHE A 16 0.44 4.34 5.85
C PHE A 16 1.67 3.84 6.59
N GLU A 17 1.63 2.58 7.00
CA GLU A 17 2.73 1.95 7.70
C GLU A 17 3.33 0.84 6.86
N VAL A 18 4.60 0.52 7.11
CA VAL A 18 5.26 -0.54 6.36
C VAL A 18 4.58 -1.88 6.57
N TRP A 19 3.84 -2.32 5.56
CA TRP A 19 3.14 -3.60 5.62
C TRP A 19 3.59 -4.52 4.49
N THR A 20 3.90 -5.76 4.82
CA THR A 20 4.34 -6.73 3.83
C THR A 20 3.18 -7.60 3.38
N ALA A 21 2.90 -7.56 2.07
CA ALA A 21 1.81 -8.35 1.51
C ALA A 21 2.10 -9.84 1.62
N THR A 22 1.35 -10.51 2.49
CA THR A 22 1.52 -11.96 2.67
C THR A 22 0.99 -12.70 1.46
N THR A 23 0.04 -12.07 0.77
CA THR A 23 -0.57 -12.66 -0.42
C THR A 23 -0.69 -11.60 -1.51
N PRO A 24 -0.82 -12.01 -2.79
CA PRO A 24 -0.95 -11.08 -3.91
C PRO A 24 -1.94 -9.95 -3.61
N THR A 25 -1.41 -8.74 -3.46
CA THR A 25 -2.24 -7.58 -3.16
C THR A 25 -1.97 -6.44 -4.15
N TYR A 26 -3.03 -5.80 -4.61
CA TYR A 26 -2.92 -4.69 -5.56
C TYR A 26 -2.77 -3.36 -4.84
N CYS A 27 -2.18 -2.39 -5.53
CA CYS A 27 -1.97 -1.05 -4.96
C CYS A 27 -3.23 -0.19 -5.14
N TYR A 28 -3.71 0.37 -4.02
CA TYR A 28 -4.89 1.22 -4.06
C TYR A 28 -4.63 2.49 -4.86
N GLU A 29 -3.36 2.77 -5.15
CA GLU A 29 -2.98 3.96 -5.89
C GLU A 29 -3.00 3.72 -7.40
N CYS A 30 -2.23 2.73 -7.86
CA CYS A 30 -2.16 2.43 -9.29
C CYS A 30 -2.73 1.05 -9.62
N GLU A 31 -3.44 0.45 -8.66
CA GLU A 31 -4.04 -0.87 -8.87
C GLU A 31 -3.01 -1.85 -9.46
N GLY A 32 -1.85 -1.93 -8.82
CA GLY A 32 -0.81 -2.83 -9.30
C GLY A 32 -0.35 -3.82 -8.25
N LEU A 33 -0.45 -5.11 -8.58
CA LEU A 33 -0.03 -6.18 -7.68
C LEU A 33 1.33 -5.88 -7.05
N LEU A 34 1.44 -6.09 -5.75
CA LEU A 34 2.68 -5.85 -5.03
C LEU A 34 3.49 -7.13 -4.90
N TRP A 35 3.52 -7.91 -5.96
CA TRP A 35 4.26 -9.17 -5.97
C TRP A 35 5.50 -9.07 -6.85
N GLY A 36 6.08 -10.22 -7.19
CA GLY A 36 7.27 -10.23 -8.03
C GLY A 36 8.52 -10.63 -7.26
N ILE A 37 9.04 -9.70 -6.46
CA ILE A 37 10.24 -9.96 -5.67
C ILE A 37 10.04 -9.54 -4.22
N ALA A 38 9.79 -8.26 -4.01
CA ALA A 38 9.59 -7.73 -2.67
C ALA A 38 8.11 -7.54 -2.38
N ARG A 39 7.49 -8.57 -1.83
CA ARG A 39 6.07 -8.53 -1.48
C ARG A 39 5.76 -7.34 -0.58
N GLN A 40 6.79 -6.82 0.10
CA GLN A 40 6.63 -5.69 1.00
C GLN A 40 5.74 -4.60 0.42
N GLY A 41 5.18 -3.77 1.28
CA GLY A 41 4.30 -2.70 0.82
C GLY A 41 3.94 -1.73 1.93
N MET A 42 2.94 -0.89 1.68
CA MET A 42 2.49 0.09 2.65
C MET A 42 0.98 -0.03 2.86
N ARG A 43 0.53 0.17 4.09
CA ARG A 43 -0.89 0.08 4.40
C ARG A 43 -1.30 1.06 5.49
N CYS A 44 -2.48 1.65 5.33
CA CYS A 44 -3.00 2.59 6.31
C CYS A 44 -3.54 1.86 7.53
N THR A 45 -3.35 2.43 8.71
CA THR A 45 -3.82 1.82 9.95
C THR A 45 -5.14 2.43 10.39
N GLU A 46 -5.94 2.86 9.41
CA GLU A 46 -7.23 3.47 9.70
C GLU A 46 -8.29 3.00 8.71
N CYS A 47 -7.90 2.87 7.43
CA CYS A 47 -8.83 2.44 6.40
C CYS A 47 -8.47 1.05 5.89
N GLY A 48 -7.23 0.63 6.12
CA GLY A 48 -6.79 -0.68 5.67
C GLY A 48 -6.21 -0.64 4.26
N VAL A 49 -6.29 0.52 3.62
CA VAL A 49 -5.77 0.68 2.26
C VAL A 49 -4.31 0.25 2.19
N LYS A 50 -3.93 -0.35 1.06
CA LYS A 50 -2.56 -0.81 0.87
C LYS A 50 -1.98 -0.28 -0.44
N CYS A 51 -0.71 0.09 -0.42
CA CYS A 51 -0.04 0.61 -1.60
C CYS A 51 1.45 0.25 -1.58
N HIS A 52 2.16 0.64 -2.65
CA HIS A 52 3.59 0.37 -2.75
C HIS A 52 4.37 1.31 -1.84
N GLU A 53 5.68 1.13 -1.79
CA GLU A 53 6.54 1.96 -0.96
C GLU A 53 6.52 3.43 -1.39
N LYS A 54 6.48 3.65 -2.70
CA LYS A 54 6.47 5.01 -3.25
C LYS A 54 5.04 5.52 -3.42
N CYS A 55 4.13 4.63 -3.80
CA CYS A 55 2.74 5.00 -4.00
C CYS A 55 2.11 5.52 -2.71
N GLN A 56 2.72 5.19 -1.57
CA GLN A 56 2.20 5.64 -0.28
C GLN A 56 2.09 7.15 -0.24
N ASP A 57 3.02 7.82 -0.92
CA ASP A 57 3.02 9.28 -0.98
C ASP A 57 2.17 9.76 -2.15
N LEU A 58 2.16 8.98 -3.23
CA LEU A 58 1.36 9.33 -4.41
C LEU A 58 -0.12 9.16 -4.14
N LEU A 59 -0.46 8.20 -3.28
CA LEU A 59 -1.86 7.94 -2.94
C LEU A 59 -2.53 9.19 -2.38
N ASN A 60 -3.85 9.28 -2.57
CA ASN A 60 -4.61 10.41 -2.08
C ASN A 60 -4.88 10.29 -0.58
N ALA A 61 -4.84 11.42 0.12
CA ALA A 61 -5.08 11.44 1.56
C ALA A 61 -6.50 11.87 1.87
N ASP A 62 -7.03 11.36 2.98
CA ASP A 62 -8.39 11.69 3.41
C ASP A 62 -8.71 11.05 4.75
N CYS A 63 -7.73 11.04 5.65
CA CYS A 63 -7.91 10.45 6.97
C CYS A 63 -8.06 11.53 8.03
N GLN A 13 -4.24 12.58 6.68
CA GLN A 13 -3.40 11.70 5.84
C GLN A 13 -3.43 10.26 6.34
N HIS A 14 -3.40 9.32 5.40
CA HIS A 14 -3.43 7.90 5.75
C HIS A 14 -2.19 7.50 6.54
N ASN A 15 -2.41 6.80 7.65
CA ASN A 15 -1.30 6.35 8.49
C ASN A 15 -0.61 5.16 7.83
N PHE A 16 -0.01 5.41 6.67
CA PHE A 16 0.69 4.37 5.93
C PHE A 16 1.84 3.77 6.72
N GLU A 17 1.73 2.48 7.02
CA GLU A 17 2.76 1.77 7.75
C GLU A 17 3.35 0.65 6.90
N VAL A 18 4.61 0.32 7.14
CA VAL A 18 5.27 -0.73 6.38
C VAL A 18 4.59 -2.08 6.60
N TRP A 19 3.84 -2.52 5.59
CA TRP A 19 3.13 -3.80 5.66
C TRP A 19 3.57 -4.70 4.50
N THR A 20 3.99 -5.92 4.83
CA THR A 20 4.42 -6.86 3.81
C THR A 20 3.26 -7.73 3.35
N ALA A 21 2.93 -7.62 2.07
CA ALA A 21 1.83 -8.39 1.50
C ALA A 21 2.14 -9.89 1.55
N THR A 22 1.42 -10.60 2.41
CA THR A 22 1.61 -12.04 2.54
C THR A 22 1.10 -12.76 1.29
N THR A 23 0.11 -12.15 0.64
CA THR A 23 -0.48 -12.71 -0.57
C THR A 23 -0.60 -11.61 -1.63
N PRO A 24 -0.77 -11.99 -2.90
CA PRO A 24 -0.90 -11.03 -4.00
C PRO A 24 -1.91 -9.93 -3.68
N THR A 25 -1.40 -8.71 -3.48
CA THR A 25 -2.26 -7.57 -3.16
C THR A 25 -2.01 -6.42 -4.14
N TYR A 26 -3.09 -5.83 -4.63
CA TYR A 26 -3.01 -4.71 -5.56
C TYR A 26 -2.86 -3.38 -4.83
N CYS A 27 -2.29 -2.40 -5.52
CA CYS A 27 -2.09 -1.07 -4.94
C CYS A 27 -3.33 -0.20 -5.13
N TYR A 28 -3.86 0.30 -4.01
CA TYR A 28 -5.04 1.15 -4.05
C TYR A 28 -4.77 2.44 -4.84
N GLU A 29 -3.49 2.74 -5.06
CA GLU A 29 -3.11 3.95 -5.77
C GLU A 29 -3.12 3.75 -7.29
N CYS A 30 -2.33 2.77 -7.77
CA CYS A 30 -2.25 2.51 -9.20
C CYS A 30 -2.81 1.13 -9.56
N GLU A 31 -3.55 0.52 -8.63
CA GLU A 31 -4.13 -0.80 -8.87
C GLU A 31 -3.10 -1.76 -9.47
N GLY A 32 -1.94 -1.86 -8.82
CA GLY A 32 -0.90 -2.75 -9.30
C GLY A 32 -0.44 -3.75 -8.27
N LEU A 33 -0.53 -5.03 -8.62
CA LEU A 33 -0.12 -6.12 -7.74
C LEU A 33 1.23 -5.83 -7.10
N LEU A 34 1.33 -6.05 -5.79
CA LEU A 34 2.58 -5.82 -5.07
C LEU A 34 3.40 -7.10 -4.97
N TRP A 35 3.41 -7.88 -6.05
CA TRP A 35 4.15 -9.13 -6.09
C TRP A 35 5.39 -9.01 -6.99
N GLY A 36 6.01 -10.13 -7.30
CA GLY A 36 7.19 -10.13 -8.14
C GLY A 36 8.45 -10.53 -7.39
N ILE A 37 9.00 -9.59 -6.64
CA ILE A 37 10.21 -9.85 -5.87
C ILE A 37 10.03 -9.48 -4.40
N ALA A 38 9.77 -8.19 -4.14
CA ALA A 38 9.58 -7.71 -2.79
C ALA A 38 8.09 -7.53 -2.48
N ARG A 39 7.47 -8.58 -1.97
CA ARG A 39 6.05 -8.54 -1.61
C ARG A 39 5.75 -7.38 -0.68
N GLN A 40 6.78 -6.89 0.01
CA GLN A 40 6.64 -5.77 0.94
C GLN A 40 5.75 -4.66 0.37
N GLY A 41 5.09 -3.92 1.26
CA GLY A 41 4.22 -2.85 0.83
C GLY A 41 3.87 -1.90 1.96
N MET A 42 2.95 -0.98 1.68
CA MET A 42 2.50 -0.01 2.67
C MET A 42 1.00 -0.12 2.88
N ARG A 43 0.54 0.12 4.12
CA ARG A 43 -0.87 0.03 4.43
C ARG A 43 -1.26 1.05 5.50
N CYS A 44 -2.45 1.63 5.34
CA CYS A 44 -2.95 2.61 6.29
C CYS A 44 -3.48 1.92 7.54
N THR A 45 -3.29 2.55 8.70
CA THR A 45 -3.75 1.99 9.96
C THR A 45 -5.07 2.63 10.39
N GLU A 46 -5.87 3.01 9.40
CA GLU A 46 -7.16 3.65 9.66
C GLU A 46 -8.22 3.15 8.68
N CYS A 47 -7.84 3.01 7.42
CA CYS A 47 -8.78 2.55 6.40
C CYS A 47 -8.43 1.14 5.92
N GLY A 48 -7.19 0.72 6.17
CA GLY A 48 -6.76 -0.61 5.77
C GLY A 48 -6.20 -0.61 4.35
N VAL A 49 -6.28 0.52 3.67
CA VAL A 49 -5.78 0.63 2.30
C VAL A 49 -4.31 0.19 2.23
N LYS A 50 -3.95 -0.44 1.12
CA LYS A 50 -2.57 -0.91 0.93
C LYS A 50 -2.02 -0.39 -0.39
N CYS A 51 -0.74 0.00 -0.37
CA CYS A 51 -0.08 0.52 -1.56
C CYS A 51 1.40 0.18 -1.55
N HIS A 52 2.10 0.58 -2.61
CA HIS A 52 3.53 0.33 -2.73
C HIS A 52 4.31 1.28 -1.82
N GLU A 53 5.63 1.22 -1.87
CA GLU A 53 6.47 2.07 -1.05
C GLU A 53 6.46 3.51 -1.54
N LYS A 54 6.40 3.68 -2.86
CA LYS A 54 6.38 5.01 -3.46
C LYS A 54 4.96 5.52 -3.63
N CYS A 55 4.10 4.65 -4.15
CA CYS A 55 2.70 5.00 -4.38
C CYS A 55 2.02 5.42 -3.09
N GLN A 56 2.54 4.95 -1.96
CA GLN A 56 1.97 5.30 -0.66
C GLN A 56 1.96 6.81 -0.46
N ASP A 57 2.93 7.48 -1.07
CA ASP A 57 3.03 8.93 -0.97
C ASP A 57 2.18 9.59 -2.06
N LEU A 58 2.07 8.91 -3.20
CA LEU A 58 1.29 9.43 -4.32
C LEU A 58 -0.21 9.30 -4.04
N LEU A 59 -0.58 8.26 -3.30
CA LEU A 59 -1.98 8.03 -2.97
C LEU A 59 -2.60 9.25 -2.29
N ASN A 60 -3.85 9.52 -2.62
CA ASN A 60 -4.57 10.67 -2.04
C ASN A 60 -4.80 10.47 -0.56
N ALA A 61 -4.99 11.57 0.16
CA ALA A 61 -5.23 11.52 1.59
C ALA A 61 -6.68 11.85 1.93
N ASP A 62 -7.24 11.15 2.91
CA ASP A 62 -8.62 11.38 3.33
C ASP A 62 -8.86 10.81 4.72
N CYS A 63 -7.91 11.02 5.62
CA CYS A 63 -8.02 10.54 6.99
C CYS A 63 -8.36 11.68 7.95
N GLN A 13 -4.76 12.42 6.55
CA GLN A 13 -3.63 11.66 5.95
C GLN A 13 -3.63 10.21 6.42
N HIS A 14 -3.48 9.28 5.48
CA HIS A 14 -3.47 7.87 5.81
C HIS A 14 -2.20 7.49 6.57
N ASN A 15 -2.37 6.78 7.68
CA ASN A 15 -1.24 6.35 8.49
C ASN A 15 -0.58 5.14 7.85
N PHE A 16 -0.04 5.33 6.66
CA PHE A 16 0.61 4.26 5.93
C PHE A 16 1.81 3.70 6.69
N GLU A 17 1.76 2.41 6.97
CA GLU A 17 2.84 1.74 7.68
C GLU A 17 3.41 0.61 6.84
N VAL A 18 4.67 0.27 7.07
CA VAL A 18 5.32 -0.79 6.32
C VAL A 18 4.64 -2.13 6.54
N TRP A 19 3.89 -2.57 5.53
CA TRP A 19 3.17 -3.84 5.61
C TRP A 19 3.60 -4.75 4.46
N THR A 20 3.95 -5.99 4.80
CA THR A 20 4.38 -6.95 3.79
C THR A 20 3.21 -7.80 3.32
N ALA A 21 2.92 -7.74 2.03
CA ALA A 21 1.82 -8.51 1.45
C ALA A 21 2.08 -10.01 1.57
N THR A 22 1.33 -10.68 2.43
CA THR A 22 1.48 -12.12 2.62
C THR A 22 1.01 -12.86 1.37
N THR A 23 0.10 -12.23 0.63
CA THR A 23 -0.44 -12.80 -0.60
C THR A 23 -0.60 -11.71 -1.65
N PRO A 24 -0.72 -12.09 -2.93
CA PRO A 24 -0.87 -11.13 -4.03
C PRO A 24 -1.87 -10.03 -3.69
N THR A 25 -1.37 -8.81 -3.52
CA THR A 25 -2.21 -7.67 -3.19
C THR A 25 -1.97 -6.51 -4.15
N TYR A 26 -3.06 -5.91 -4.64
CA TYR A 26 -2.98 -4.79 -5.56
C TYR A 26 -2.79 -3.48 -4.82
N CYS A 27 -2.23 -2.48 -5.51
CA CYS A 27 -1.99 -1.17 -4.92
C CYS A 27 -3.19 -0.26 -5.15
N TYR A 28 -3.81 0.18 -4.07
CA TYR A 28 -4.97 1.07 -4.16
C TYR A 28 -4.63 2.34 -4.94
N GLU A 29 -3.35 2.66 -5.03
CA GLU A 29 -2.88 3.86 -5.72
C GLU A 29 -2.90 3.68 -7.24
N CYS A 30 -2.17 2.68 -7.73
CA CYS A 30 -2.10 2.44 -9.17
C CYS A 30 -2.65 1.07 -9.55
N GLU A 31 -3.41 0.46 -8.64
CA GLU A 31 -4.01 -0.84 -8.89
C GLU A 31 -2.98 -1.82 -9.48
N GLY A 32 -1.84 -1.93 -8.81
CA GLY A 32 -0.80 -2.83 -9.30
C GLY A 32 -0.35 -3.83 -8.27
N LEU A 33 -0.45 -5.12 -8.61
CA LEU A 33 -0.05 -6.20 -7.72
C LEU A 33 1.31 -5.92 -7.08
N LEU A 34 1.40 -6.12 -5.77
CA LEU A 34 2.64 -5.89 -5.04
C LEU A 34 3.45 -7.19 -4.93
N TRP A 35 3.49 -7.96 -6.02
CA TRP A 35 4.22 -9.21 -6.04
C TRP A 35 5.45 -9.11 -6.94
N GLY A 36 6.02 -10.26 -7.27
CA GLY A 36 7.20 -10.28 -8.12
C GLY A 36 8.45 -10.69 -7.37
N ILE A 37 8.97 -9.79 -6.55
CA ILE A 37 10.17 -10.07 -5.76
C ILE A 37 9.98 -9.67 -4.31
N ALA A 38 9.74 -8.39 -4.08
CA ALA A 38 9.54 -7.88 -2.73
C ALA A 38 8.06 -7.68 -2.43
N ARG A 39 7.42 -8.71 -1.89
CA ARG A 39 6.01 -8.65 -1.55
C ARG A 39 5.72 -7.45 -0.64
N GLN A 40 6.75 -6.97 0.04
CA GLN A 40 6.63 -5.83 0.95
C GLN A 40 5.72 -4.74 0.38
N GLY A 41 5.14 -3.93 1.27
CA GLY A 41 4.27 -2.86 0.83
C GLY A 41 3.91 -1.90 1.96
N MET A 42 2.97 -1.01 1.69
CA MET A 42 2.52 -0.03 2.66
C MET A 42 1.01 -0.14 2.87
N ARG A 43 0.56 0.08 4.11
CA ARG A 43 -0.86 -0.01 4.41
C ARG A 43 -1.26 0.98 5.50
N CYS A 44 -2.44 1.58 5.34
CA CYS A 44 -2.95 2.53 6.31
C CYS A 44 -3.54 1.79 7.50
N THR A 45 -3.33 2.34 8.70
CA THR A 45 -3.84 1.71 9.92
C THR A 45 -5.16 2.36 10.35
N GLU A 46 -5.91 2.85 9.37
CA GLU A 46 -7.18 3.50 9.62
C GLU A 46 -8.24 3.04 8.63
N CYS A 47 -7.85 2.93 7.36
CA CYS A 47 -8.77 2.50 6.32
C CYS A 47 -8.38 1.14 5.76
N GLY A 48 -7.10 0.76 5.95
CA GLY A 48 -6.63 -0.51 5.45
C GLY A 48 -6.11 -0.43 4.03
N VAL A 49 -6.08 0.78 3.47
CA VAL A 49 -5.60 0.97 2.11
C VAL A 49 -4.14 0.54 1.99
N LYS A 50 -3.90 -0.43 1.12
CA LYS A 50 -2.53 -0.93 0.91
C LYS A 50 -1.97 -0.42 -0.41
N CYS A 51 -0.70 -0.04 -0.40
CA CYS A 51 -0.04 0.48 -1.59
C CYS A 51 1.45 0.13 -1.57
N HIS A 52 2.15 0.51 -2.63
CA HIS A 52 3.58 0.25 -2.73
C HIS A 52 4.35 1.20 -1.81
N GLU A 53 5.67 1.11 -1.84
CA GLU A 53 6.52 1.96 -1.00
C GLU A 53 6.55 3.39 -1.51
N LYS A 54 6.46 3.55 -2.83
CA LYS A 54 6.48 4.88 -3.44
C LYS A 54 5.06 5.43 -3.59
N CYS A 55 4.11 4.55 -3.83
CA CYS A 55 2.72 4.95 -4.00
C CYS A 55 2.12 5.44 -2.68
N GLN A 56 2.67 4.99 -1.56
CA GLN A 56 2.19 5.40 -0.25
C GLN A 56 2.25 6.93 -0.11
N ASP A 57 3.17 7.54 -0.83
CA ASP A 57 3.33 9.00 -0.79
C ASP A 57 2.51 9.65 -1.90
N LEU A 58 2.36 8.94 -3.02
CA LEU A 58 1.61 9.44 -4.16
C LEU A 58 0.11 9.34 -3.90
N LEU A 59 -0.29 8.31 -3.16
CA LEU A 59 -1.69 8.09 -2.85
C LEU A 59 -2.30 9.29 -2.13
N ASN A 60 -3.50 9.68 -2.54
CA ASN A 60 -4.19 10.82 -1.93
C ASN A 60 -4.50 10.54 -0.47
N ALA A 61 -4.92 11.57 0.24
CA ALA A 61 -5.27 11.43 1.66
C ALA A 61 -6.77 11.63 1.89
N ASP A 62 -7.30 10.94 2.88
CA ASP A 62 -8.72 11.03 3.20
C ASP A 62 -9.00 10.53 4.61
N CYS A 63 -8.09 10.86 5.54
CA CYS A 63 -8.24 10.44 6.93
C CYS A 63 -8.67 11.61 7.80
N GLN A 13 -3.33 12.78 6.85
CA GLN A 13 -3.17 11.78 5.76
C GLN A 13 -3.22 10.36 6.31
N HIS A 14 -3.34 9.39 5.41
CA HIS A 14 -3.42 7.99 5.79
C HIS A 14 -2.16 7.57 6.57
N ASN A 15 -2.37 6.86 7.67
CA ASN A 15 -1.26 6.39 8.50
C ASN A 15 -0.58 5.19 7.84
N PHE A 16 -0.01 5.44 6.66
CA PHE A 16 0.67 4.40 5.91
C PHE A 16 1.84 3.81 6.68
N GLU A 17 1.72 2.55 7.06
CA GLU A 17 2.78 1.86 7.78
C GLU A 17 3.35 0.74 6.93
N VAL A 18 4.61 0.40 7.16
CA VAL A 18 5.27 -0.66 6.40
C VAL A 18 4.59 -1.99 6.61
N TRP A 19 3.83 -2.44 5.61
CA TRP A 19 3.13 -3.70 5.66
C TRP A 19 3.58 -4.62 4.53
N THR A 20 3.91 -5.86 4.86
CA THR A 20 4.35 -6.81 3.85
C THR A 20 3.18 -7.69 3.40
N ALA A 21 2.84 -7.59 2.12
CA ALA A 21 1.76 -8.37 1.56
C ALA A 21 2.08 -9.87 1.60
N THR A 22 1.34 -10.60 2.42
CA THR A 22 1.54 -12.04 2.54
C THR A 22 1.02 -12.76 1.29
N THR A 23 0.01 -12.15 0.67
CA THR A 23 -0.60 -12.70 -0.54
C THR A 23 -0.68 -11.62 -1.62
N PRO A 24 -0.86 -12.01 -2.88
CA PRO A 24 -0.97 -11.04 -3.99
C PRO A 24 -1.97 -9.94 -3.70
N THR A 25 -1.46 -8.73 -3.50
CA THR A 25 -2.30 -7.57 -3.20
C THR A 25 -2.02 -6.43 -4.18
N TYR A 26 -3.08 -5.74 -4.60
CA TYR A 26 -2.97 -4.63 -5.54
C TYR A 26 -2.81 -3.30 -4.81
N CYS A 27 -2.22 -2.32 -5.50
CA CYS A 27 -2.01 -1.00 -4.92
C CYS A 27 -3.26 -0.14 -5.09
N TYR A 28 -3.79 0.36 -3.99
CA TYR A 28 -4.97 1.21 -4.01
C TYR A 28 -4.72 2.49 -4.81
N GLU A 29 -3.46 2.80 -5.06
CA GLU A 29 -3.09 4.00 -5.79
C GLU A 29 -3.09 3.77 -7.29
N CYS A 30 -2.31 2.81 -7.77
CA CYS A 30 -2.22 2.52 -9.20
C CYS A 30 -2.76 1.14 -9.55
N GLU A 31 -3.48 0.53 -8.61
CA GLU A 31 -4.05 -0.80 -8.83
C GLU A 31 -3.02 -1.76 -9.41
N GLY A 32 -1.86 -1.83 -8.77
CA GLY A 32 -0.80 -2.71 -9.25
C GLY A 32 -0.35 -3.72 -8.21
N LEU A 33 -0.45 -4.99 -8.56
CA LEU A 33 -0.04 -6.07 -7.67
C LEU A 33 1.33 -5.80 -7.04
N LEU A 34 1.42 -6.02 -5.73
CA LEU A 34 2.67 -5.80 -5.01
C LEU A 34 3.46 -7.10 -4.89
N TRP A 35 3.48 -7.86 -5.98
CA TRP A 35 4.21 -9.12 -6.01
C TRP A 35 5.46 -9.01 -6.89
N GLY A 36 6.04 -10.16 -7.22
CA GLY A 36 7.23 -10.17 -8.05
C GLY A 36 8.48 -10.57 -7.29
N ILE A 37 9.05 -9.61 -6.56
CA ILE A 37 10.26 -9.87 -5.77
C ILE A 37 10.05 -9.49 -4.31
N ALA A 38 9.79 -8.21 -4.07
CA ALA A 38 9.58 -7.71 -2.72
C ALA A 38 8.09 -7.55 -2.41
N ARG A 39 7.48 -8.61 -1.89
CA ARG A 39 6.07 -8.59 -1.54
C ARG A 39 5.75 -7.40 -0.62
N GLN A 40 6.77 -6.90 0.07
CA GLN A 40 6.61 -5.78 1.00
C GLN A 40 5.72 -4.69 0.41
N GLY A 41 5.13 -3.88 1.28
CA GLY A 41 4.26 -2.81 0.84
C GLY A 41 3.91 -1.84 1.95
N MET A 42 2.95 -0.95 1.68
CA MET A 42 2.52 0.03 2.66
C MET A 42 1.01 -0.07 2.87
N ARG A 43 0.57 0.15 4.11
CA ARG A 43 -0.85 0.06 4.42
C ARG A 43 -1.24 1.07 5.51
N CYS A 44 -2.42 1.66 5.36
CA CYS A 44 -2.92 2.63 6.32
C CYS A 44 -3.44 1.90 7.56
N THR A 45 -3.24 2.51 8.73
CA THR A 45 -3.69 1.92 9.98
C THR A 45 -5.02 2.55 10.43
N GLU A 46 -5.82 2.96 9.45
CA GLU A 46 -7.10 3.59 9.74
C GLU A 46 -8.17 3.11 8.77
N CYS A 47 -7.81 2.97 7.49
CA CYS A 47 -8.74 2.53 6.46
C CYS A 47 -8.38 1.12 5.97
N GLY A 48 -7.15 0.71 6.21
CA GLY A 48 -6.72 -0.62 5.78
C GLY A 48 -6.17 -0.61 4.37
N VAL A 49 -6.24 0.53 3.70
CA VAL A 49 -5.75 0.65 2.33
C VAL A 49 -4.28 0.23 2.24
N LYS A 50 -3.90 -0.37 1.12
CA LYS A 50 -2.53 -0.82 0.93
C LYS A 50 -1.97 -0.28 -0.38
N CYS A 51 -0.70 0.09 -0.37
CA CYS A 51 -0.04 0.64 -1.55
C CYS A 51 1.44 0.28 -1.56
N HIS A 52 2.14 0.70 -2.61
CA HIS A 52 3.56 0.44 -2.75
C HIS A 52 4.36 1.39 -1.86
N GLU A 53 5.68 1.23 -1.85
CA GLU A 53 6.56 2.07 -1.03
C GLU A 53 6.51 3.53 -1.48
N LYS A 54 6.44 3.75 -2.78
CA LYS A 54 6.39 5.11 -3.33
C LYS A 54 4.96 5.60 -3.47
N CYS A 55 4.08 4.71 -3.93
CA CYS A 55 2.68 5.06 -4.12
C CYS A 55 2.05 5.56 -2.82
N GLN A 56 2.65 5.21 -1.69
CA GLN A 56 2.13 5.65 -0.39
C GLN A 56 1.97 7.17 -0.35
N ASP A 57 2.89 7.87 -1.01
CA ASP A 57 2.85 9.32 -1.06
C ASP A 57 1.99 9.78 -2.23
N LEU A 58 2.03 9.02 -3.32
CA LEU A 58 1.24 9.35 -4.51
C LEU A 58 -0.24 9.14 -4.27
N LEU A 59 -0.57 8.18 -3.41
CA LEU A 59 -1.96 7.88 -3.09
C LEU A 59 -2.67 9.11 -2.52
N ASN A 60 -3.98 9.17 -2.72
CA ASN A 60 -4.78 10.28 -2.23
C ASN A 60 -4.72 10.37 -0.71
N ALA A 61 -5.60 11.18 -0.13
CA ALA A 61 -5.63 11.36 1.32
C ALA A 61 -7.03 11.70 1.80
N ASP A 62 -7.40 11.18 2.97
CA ASP A 62 -8.72 11.43 3.54
C ASP A 62 -8.77 10.98 5.00
N CYS A 63 -7.69 11.23 5.72
CA CYS A 63 -7.61 10.86 7.13
C CYS A 63 -7.35 12.09 8.00
N GLN A 13 -3.66 12.77 6.70
CA GLN A 13 -3.03 11.79 5.77
C GLN A 13 -3.09 10.38 6.31
N HIS A 14 -3.20 9.40 5.41
CA HIS A 14 -3.27 8.00 5.81
C HIS A 14 -2.03 7.59 6.60
N ASN A 15 -2.25 6.89 7.71
CA ASN A 15 -1.16 6.43 8.56
C ASN A 15 -0.50 5.21 7.93
N PHE A 16 0.04 5.40 6.74
CA PHE A 16 0.69 4.32 6.00
C PHE A 16 1.89 3.76 6.77
N GLU A 17 1.79 2.49 7.13
CA GLU A 17 2.87 1.82 7.84
C GLU A 17 3.43 0.67 6.99
N VAL A 18 4.69 0.33 7.22
CA VAL A 18 5.32 -0.74 6.46
C VAL A 18 4.62 -2.08 6.68
N TRP A 19 3.87 -2.50 5.66
CA TRP A 19 3.14 -3.76 5.73
C TRP A 19 3.56 -4.68 4.58
N THR A 20 3.91 -5.91 4.90
CA THR A 20 4.32 -6.87 3.88
C THR A 20 3.14 -7.75 3.47
N ALA A 21 2.76 -7.66 2.20
CA ALA A 21 1.64 -8.44 1.69
C ALA A 21 1.95 -9.93 1.73
N THR A 22 1.24 -10.65 2.59
CA THR A 22 1.43 -12.10 2.70
C THR A 22 0.86 -12.80 1.47
N THR A 23 -0.08 -12.14 0.81
CA THR A 23 -0.70 -12.69 -0.39
C THR A 23 -0.80 -11.61 -1.46
N PRO A 24 -0.98 -11.99 -2.74
CA PRO A 24 -1.09 -11.05 -3.85
C PRO A 24 -2.08 -9.91 -3.54
N THR A 25 -1.55 -8.70 -3.38
CA THR A 25 -2.38 -7.54 -3.08
C THR A 25 -2.07 -6.39 -4.04
N TYR A 26 -3.12 -5.77 -4.57
CA TYR A 26 -2.98 -4.66 -5.51
C TYR A 26 -2.81 -3.34 -4.78
N CYS A 27 -2.19 -2.37 -5.45
CA CYS A 27 -1.98 -1.05 -4.87
C CYS A 27 -3.20 -0.16 -5.08
N TYR A 28 -3.75 0.35 -3.98
CA TYR A 28 -4.92 1.21 -4.05
C TYR A 28 -4.63 2.49 -4.84
N GLU A 29 -3.34 2.79 -5.05
CA GLU A 29 -2.94 3.98 -5.77
C GLU A 29 -2.94 3.76 -7.28
N CYS A 30 -2.17 2.77 -7.75
CA CYS A 30 -2.07 2.48 -9.18
C CYS A 30 -2.69 1.13 -9.53
N GLU A 31 -3.44 0.55 -8.59
CA GLU A 31 -4.07 -0.75 -8.83
C GLU A 31 -3.09 -1.75 -9.40
N GLY A 32 -1.93 -1.88 -8.77
CA GLY A 32 -0.92 -2.81 -9.25
C GLY A 32 -0.48 -3.81 -8.19
N LEU A 33 -0.57 -5.09 -8.54
CA LEU A 33 -0.17 -6.16 -7.64
C LEU A 33 1.19 -5.87 -6.99
N LEU A 34 1.27 -6.09 -5.68
CA LEU A 34 2.51 -5.84 -4.95
C LEU A 34 3.33 -7.12 -4.83
N TRP A 35 3.36 -7.91 -5.89
CA TRP A 35 4.10 -9.16 -5.91
C TRP A 35 5.34 -9.05 -6.78
N GLY A 36 5.91 -7.84 -6.85
CA GLY A 36 7.10 -7.61 -7.64
C GLY A 36 8.37 -7.85 -6.86
N ILE A 37 8.76 -9.12 -6.74
CA ILE A 37 9.98 -9.48 -6.02
C ILE A 37 9.81 -9.24 -4.51
N ALA A 38 9.73 -7.98 -4.13
CA ALA A 38 9.56 -7.62 -2.73
C ALA A 38 8.10 -7.47 -2.36
N ARG A 39 7.51 -8.55 -1.87
CA ARG A 39 6.10 -8.55 -1.48
C ARG A 39 5.80 -7.39 -0.52
N GLN A 40 6.84 -6.89 0.16
CA GLN A 40 6.68 -5.79 1.10
C GLN A 40 5.83 -4.67 0.51
N GLY A 41 5.13 -3.95 1.38
CA GLY A 41 4.29 -2.85 0.93
C GLY A 41 3.93 -1.89 2.05
N MET A 42 3.00 -0.99 1.76
CA MET A 42 2.56 0.00 2.75
C MET A 42 1.05 -0.11 2.96
N ARG A 43 0.60 0.14 4.19
CA ARG A 43 -0.82 0.06 4.50
C ARG A 43 -1.20 1.07 5.56
N CYS A 44 -2.38 1.67 5.40
CA CYS A 44 -2.87 2.66 6.36
C CYS A 44 -3.42 1.96 7.61
N THR A 45 -3.21 2.57 8.76
CA THR A 45 -3.67 2.01 10.03
C THR A 45 -4.98 2.68 10.46
N GLU A 46 -5.77 3.09 9.47
CA GLU A 46 -7.04 3.75 9.73
C GLU A 46 -8.12 3.29 8.76
N CYS A 47 -7.75 3.14 7.50
CA CYS A 47 -8.69 2.70 6.47
C CYS A 47 -8.33 1.32 5.95
N GLY A 48 -7.06 0.94 6.10
CA GLY A 48 -6.61 -0.35 5.63
C GLY A 48 -6.12 -0.32 4.20
N VAL A 49 -6.03 0.88 3.63
CA VAL A 49 -5.56 1.05 2.26
C VAL A 49 -4.10 0.61 2.12
N LYS A 50 -3.86 -0.36 1.23
CA LYS A 50 -2.51 -0.85 1.02
C LYS A 50 -1.95 -0.34 -0.31
N CYS A 51 -0.68 0.03 -0.30
CA CYS A 51 -0.01 0.54 -1.49
C CYS A 51 1.47 0.16 -1.49
N HIS A 52 2.17 0.54 -2.55
CA HIS A 52 3.59 0.25 -2.67
C HIS A 52 4.40 1.17 -1.76
N GLU A 53 5.70 0.96 -1.70
CA GLU A 53 6.57 1.77 -0.85
C GLU A 53 6.58 3.23 -1.30
N LYS A 54 6.55 3.46 -2.60
CA LYS A 54 6.57 4.81 -3.14
C LYS A 54 5.15 5.35 -3.33
N CYS A 55 4.24 4.49 -3.75
CA CYS A 55 2.85 4.88 -3.96
C CYS A 55 2.21 5.40 -2.68
N GLN A 56 2.80 5.07 -1.53
CA GLN A 56 2.29 5.52 -0.25
C GLN A 56 2.15 7.04 -0.23
N ASP A 57 3.06 7.71 -0.93
CA ASP A 57 3.04 9.16 -1.00
C ASP A 57 2.24 9.63 -2.21
N LEU A 58 2.31 8.85 -3.30
CA LEU A 58 1.59 9.18 -4.51
C LEU A 58 0.09 9.01 -4.34
N LEU A 59 -0.29 8.09 -3.45
CA LEU A 59 -1.70 7.82 -3.19
C LEU A 59 -2.43 9.10 -2.73
N ASN A 60 -3.73 9.15 -3.01
CA ASN A 60 -4.54 10.30 -2.63
C ASN A 60 -4.93 10.24 -1.16
N ALA A 61 -4.49 11.23 -0.40
CA ALA A 61 -4.79 11.29 1.03
C ALA A 61 -6.27 11.51 1.27
N ASP A 62 -6.80 10.89 2.32
CA ASP A 62 -8.21 11.02 2.66
C ASP A 62 -8.49 10.40 4.03
N CYS A 63 -7.83 10.92 5.06
CA CYS A 63 -8.01 10.42 6.42
C CYS A 63 -8.57 11.50 7.32
N GLN A 13 -3.03 12.83 6.28
CA GLN A 13 -2.58 11.74 5.37
C GLN A 13 -2.81 10.37 6.00
N HIS A 14 -2.99 9.35 5.17
CA HIS A 14 -3.22 8.00 5.66
C HIS A 14 -2.05 7.52 6.50
N ASN A 15 -2.36 6.88 7.63
CA ASN A 15 -1.32 6.37 8.53
C ASN A 15 -0.65 5.15 7.89
N PHE A 16 0.05 5.39 6.79
CA PHE A 16 0.72 4.33 6.06
C PHE A 16 1.86 3.72 6.89
N GLU A 17 1.79 2.41 7.08
CA GLU A 17 2.80 1.69 7.84
C GLU A 17 3.39 0.56 7.00
N VAL A 18 4.64 0.23 7.24
CA VAL A 18 5.30 -0.83 6.49
C VAL A 18 4.62 -2.18 6.72
N TRP A 19 3.89 -2.63 5.72
CA TRP A 19 3.17 -3.91 5.79
C TRP A 19 3.61 -4.82 4.65
N THR A 20 3.88 -6.08 4.96
CA THR A 20 4.28 -7.04 3.94
C THR A 20 3.10 -7.84 3.44
N ALA A 21 2.85 -7.77 2.13
CA ALA A 21 1.75 -8.48 1.52
C ALA A 21 1.98 -9.99 1.57
N THR A 22 1.21 -10.68 2.39
CA THR A 22 1.33 -12.13 2.50
C THR A 22 0.83 -12.81 1.23
N THR A 23 -0.09 -12.13 0.55
CA THR A 23 -0.66 -12.64 -0.69
C THR A 23 -0.75 -11.51 -1.72
N PRO A 24 -0.87 -11.86 -3.02
CA PRO A 24 -0.96 -10.86 -4.09
C PRO A 24 -1.94 -9.73 -3.75
N THR A 25 -1.41 -8.54 -3.52
CA THR A 25 -2.23 -7.38 -3.19
C THR A 25 -1.95 -6.21 -4.14
N TYR A 26 -3.01 -5.65 -4.69
CA TYR A 26 -2.89 -4.52 -5.62
C TYR A 26 -2.78 -3.20 -4.87
N CYS A 27 -2.19 -2.20 -5.52
CA CYS A 27 -2.02 -0.89 -4.92
C CYS A 27 -3.27 -0.04 -5.11
N TYR A 28 -3.81 0.47 -4.00
CA TYR A 28 -5.00 1.29 -4.04
C TYR A 28 -4.75 2.60 -4.81
N GLU A 29 -3.48 2.90 -5.07
CA GLU A 29 -3.11 4.12 -5.78
C GLU A 29 -3.09 3.92 -7.29
N CYS A 30 -2.27 2.97 -7.75
CA CYS A 30 -2.15 2.70 -9.18
C CYS A 30 -2.66 1.32 -9.55
N GLU A 31 -3.41 0.68 -8.64
CA GLU A 31 -3.94 -0.65 -8.89
C GLU A 31 -2.88 -1.59 -9.46
N GLY A 32 -1.74 -1.65 -8.77
CA GLY A 32 -0.65 -2.51 -9.23
C GLY A 32 -0.25 -3.55 -8.20
N LEU A 33 -0.35 -4.81 -8.59
CA LEU A 33 0.00 -5.93 -7.72
C LEU A 33 1.34 -5.69 -7.04
N LEU A 34 1.39 -5.95 -5.74
CA LEU A 34 2.62 -5.77 -4.95
C LEU A 34 3.40 -7.08 -4.86
N TRP A 35 3.43 -7.81 -5.96
CA TRP A 35 4.14 -9.09 -6.01
C TRP A 35 5.40 -8.98 -6.86
N GLY A 36 5.97 -10.13 -7.23
CA GLY A 36 7.16 -10.14 -8.05
C GLY A 36 8.39 -10.59 -7.28
N ILE A 37 8.97 -9.68 -6.51
CA ILE A 37 10.16 -9.99 -5.72
C ILE A 37 9.94 -9.64 -4.26
N ALA A 38 9.72 -8.36 -3.99
CA ALA A 38 9.51 -7.90 -2.62
C ALA A 38 8.03 -7.69 -2.34
N ARG A 39 7.37 -8.74 -1.85
CA ARG A 39 5.95 -8.67 -1.52
C ARG A 39 5.65 -7.50 -0.59
N GLN A 40 6.68 -7.03 0.12
CA GLN A 40 6.54 -5.92 1.05
C GLN A 40 5.69 -4.79 0.47
N GLY A 41 5.10 -3.98 1.35
CA GLY A 41 4.26 -2.88 0.91
C GLY A 41 3.92 -1.94 2.04
N MET A 42 3.00 -1.02 1.78
CA MET A 42 2.56 -0.04 2.77
C MET A 42 1.05 -0.15 2.98
N ARG A 43 0.60 0.08 4.21
CA ARG A 43 -0.82 0.00 4.53
C ARG A 43 -1.20 1.02 5.59
N CYS A 44 -2.38 1.63 5.42
CA CYS A 44 -2.87 2.61 6.38
C CYS A 44 -3.40 1.92 7.63
N THR A 45 -3.20 2.56 8.78
CA THR A 45 -3.66 2.00 10.06
C THR A 45 -4.98 2.63 10.47
N GLU A 46 -5.78 3.02 9.48
CA GLU A 46 -7.08 3.63 9.75
C GLU A 46 -8.12 3.16 8.75
N CYS A 47 -7.72 3.04 7.48
CA CYS A 47 -8.64 2.59 6.44
C CYS A 47 -8.23 1.22 5.89
N GLY A 48 -6.98 0.84 6.15
CA GLY A 48 -6.49 -0.44 5.68
C GLY A 48 -6.03 -0.40 4.24
N VAL A 49 -5.96 0.80 3.67
CA VAL A 49 -5.54 0.98 2.29
C VAL A 49 -4.08 0.57 2.12
N LYS A 50 -3.83 -0.42 1.27
CA LYS A 50 -2.47 -0.90 1.03
C LYS A 50 -1.94 -0.36 -0.29
N CYS A 51 -0.67 0.04 -0.27
CA CYS A 51 -0.01 0.60 -1.45
C CYS A 51 1.48 0.27 -1.45
N HIS A 52 2.17 0.69 -2.50
CA HIS A 52 3.60 0.46 -2.62
C HIS A 52 4.37 1.43 -1.71
N GLU A 53 5.69 1.30 -1.70
CA GLU A 53 6.53 2.15 -0.87
C GLU A 53 6.42 3.62 -1.28
N LYS A 54 6.61 3.90 -2.56
CA LYS A 54 6.53 5.27 -3.07
C LYS A 54 5.08 5.68 -3.32
N CYS A 55 4.29 4.76 -3.85
CA CYS A 55 2.90 5.03 -4.15
C CYS A 55 2.14 5.50 -2.91
N GLN A 56 2.68 5.19 -1.73
CA GLN A 56 2.04 5.59 -0.48
C GLN A 56 1.80 7.10 -0.46
N ASP A 57 2.78 7.86 -0.95
CA ASP A 57 2.67 9.30 -1.00
C ASP A 57 1.85 9.73 -2.21
N LEU A 58 1.96 8.98 -3.30
CA LEU A 58 1.23 9.28 -4.52
C LEU A 58 -0.27 9.01 -4.34
N LEU A 59 -0.58 8.03 -3.50
CA LEU A 59 -1.98 7.67 -3.24
C LEU A 59 -2.75 8.85 -2.68
N ASN A 60 -4.06 8.85 -2.88
CA ASN A 60 -4.92 9.92 -2.38
C ASN A 60 -4.84 10.02 -0.86
N ALA A 61 -5.61 10.94 -0.30
CA ALA A 61 -5.63 11.14 1.15
C ALA A 61 -7.04 11.39 1.66
N ASP A 62 -7.36 10.81 2.81
CA ASP A 62 -8.69 10.96 3.40
C ASP A 62 -8.64 10.70 4.90
N CYS A 63 -7.58 11.17 5.55
CA CYS A 63 -7.41 10.98 6.98
C CYS A 63 -7.10 12.31 7.67
N GLN A 13 -4.05 12.51 7.12
CA GLN A 13 -3.32 11.65 6.14
C GLN A 13 -3.31 10.20 6.58
N HIS A 14 -3.39 9.29 5.62
CA HIS A 14 -3.39 7.86 5.91
C HIS A 14 -2.12 7.46 6.64
N ASN A 15 -2.29 6.73 7.75
CA ASN A 15 -1.16 6.26 8.53
C ASN A 15 -0.50 5.05 7.87
N PHE A 16 -0.01 5.26 6.65
CA PHE A 16 0.63 4.20 5.89
C PHE A 16 1.86 3.66 6.62
N GLU A 17 1.82 2.37 6.93
CA GLU A 17 2.94 1.72 7.61
C GLU A 17 3.49 0.60 6.74
N VAL A 18 4.76 0.26 6.96
CA VAL A 18 5.40 -0.80 6.19
C VAL A 18 4.72 -2.14 6.41
N TRP A 19 3.94 -2.57 5.41
CA TRP A 19 3.24 -3.84 5.48
C TRP A 19 3.62 -4.72 4.31
N THR A 20 4.11 -5.93 4.61
CA THR A 20 4.52 -6.86 3.56
C THR A 20 3.35 -7.75 3.15
N ALA A 21 2.95 -7.63 1.90
CA ALA A 21 1.84 -8.42 1.37
C ALA A 21 2.13 -9.91 1.49
N THR A 22 1.41 -10.58 2.38
CA THR A 22 1.58 -12.01 2.57
C THR A 22 1.06 -12.77 1.35
N THR A 23 0.13 -12.14 0.64
CA THR A 23 -0.45 -12.72 -0.56
C THR A 23 -0.59 -11.64 -1.64
N PRO A 24 -0.74 -12.03 -2.91
CA PRO A 24 -0.89 -11.09 -4.02
C PRO A 24 -1.90 -10.00 -3.71
N THR A 25 -1.42 -8.77 -3.53
CA THR A 25 -2.29 -7.64 -3.23
C THR A 25 -2.04 -6.48 -4.19
N TYR A 26 -3.13 -5.90 -4.70
CA TYR A 26 -3.04 -4.78 -5.63
C TYR A 26 -2.87 -3.45 -4.88
N CYS A 27 -2.30 -2.47 -5.57
CA CYS A 27 -2.08 -1.15 -4.98
C CYS A 27 -3.30 -0.26 -5.17
N TYR A 28 -3.90 0.16 -4.06
CA TYR A 28 -5.07 1.03 -4.11
C TYR A 28 -4.79 2.32 -4.88
N GLU A 29 -3.51 2.65 -5.02
CA GLU A 29 -3.10 3.86 -5.72
C GLU A 29 -3.12 3.68 -7.24
N CYS A 30 -2.38 2.71 -7.75
CA CYS A 30 -2.31 2.47 -9.19
C CYS A 30 -2.86 1.09 -9.56
N GLU A 31 -3.60 0.49 -8.65
CA GLU A 31 -4.19 -0.83 -8.89
C GLU A 31 -3.17 -1.79 -9.49
N GLY A 32 -2.00 -1.90 -8.85
CA GLY A 32 -0.97 -2.77 -9.35
C GLY A 32 -0.50 -3.78 -8.31
N LEU A 33 -0.56 -5.06 -8.68
CA LEU A 33 -0.15 -6.15 -7.79
C LEU A 33 1.20 -5.84 -7.15
N LEU A 34 1.29 -6.06 -5.84
CA LEU A 34 2.52 -5.82 -5.09
C LEU A 34 3.35 -7.08 -4.99
N TRP A 35 3.39 -7.86 -6.06
CA TRP A 35 4.14 -9.10 -6.09
C TRP A 35 5.39 -8.96 -6.97
N GLY A 36 6.35 -9.85 -6.78
CA GLY A 36 7.57 -9.80 -7.55
C GLY A 36 8.81 -9.67 -6.69
N ILE A 37 9.27 -10.79 -6.16
CA ILE A 37 10.46 -10.81 -5.31
C ILE A 37 10.19 -10.13 -3.97
N ALA A 38 9.94 -8.82 -4.01
CA ALA A 38 9.67 -8.06 -2.79
C ALA A 38 8.18 -7.82 -2.60
N ARG A 39 7.52 -8.76 -1.93
CA ARG A 39 6.09 -8.64 -1.66
C ARG A 39 5.79 -7.42 -0.79
N GLN A 40 6.83 -6.90 -0.13
CA GLN A 40 6.70 -5.74 0.75
C GLN A 40 5.73 -4.70 0.20
N GLY A 41 5.18 -3.88 1.10
CA GLY A 41 4.24 -2.85 0.70
C GLY A 41 3.90 -1.91 1.84
N MET A 42 2.98 -0.99 1.57
CA MET A 42 2.56 -0.01 2.56
C MET A 42 1.04 -0.11 2.79
N ARG A 43 0.61 0.10 4.02
CA ARG A 43 -0.81 0.02 4.34
C ARG A 43 -1.20 1.01 5.44
N CYS A 44 -2.38 1.61 5.29
CA CYS A 44 -2.87 2.56 6.27
C CYS A 44 -3.41 1.82 7.50
N THR A 45 -3.22 2.41 8.67
CA THR A 45 -3.69 1.81 9.91
C THR A 45 -5.01 2.43 10.36
N GLU A 46 -5.81 2.86 9.39
CA GLU A 46 -7.09 3.47 9.67
C GLU A 46 -8.16 3.02 8.68
N CYS A 47 -7.78 2.90 7.41
CA CYS A 47 -8.71 2.47 6.37
C CYS A 47 -8.35 1.09 5.84
N GLY A 48 -7.14 0.63 6.14
CA GLY A 48 -6.71 -0.68 5.68
C GLY A 48 -6.15 -0.64 4.27
N VAL A 49 -6.21 0.52 3.64
CA VAL A 49 -5.70 0.68 2.28
C VAL A 49 -4.25 0.23 2.19
N LYS A 50 -3.90 -0.40 1.06
CA LYS A 50 -2.55 -0.88 0.85
C LYS A 50 -1.99 -0.38 -0.47
N CYS A 51 -0.72 0.01 -0.47
CA CYS A 51 -0.07 0.53 -1.67
C CYS A 51 1.42 0.18 -1.68
N HIS A 52 2.10 0.57 -2.75
CA HIS A 52 3.53 0.33 -2.88
C HIS A 52 4.32 1.26 -1.97
N GLU A 53 5.64 1.10 -1.95
CA GLU A 53 6.49 1.93 -1.11
C GLU A 53 6.46 3.40 -1.56
N LYS A 54 6.34 3.61 -2.86
CA LYS A 54 6.31 4.97 -3.40
C LYS A 54 4.87 5.49 -3.50
N CYS A 55 3.97 4.64 -3.97
CA CYS A 55 2.57 5.02 -4.11
C CYS A 55 1.98 5.52 -2.80
N GLN A 56 2.59 5.14 -1.67
CA GLN A 56 2.12 5.57 -0.36
C GLN A 56 2.04 7.09 -0.30
N ASP A 57 2.97 7.75 -0.96
CA ASP A 57 3.01 9.21 -0.98
C ASP A 57 2.14 9.75 -2.12
N LEU A 58 2.07 9.00 -3.21
CA LEU A 58 1.28 9.39 -4.37
C LEU A 58 -0.21 9.25 -4.09
N LEU A 59 -0.56 8.28 -3.25
CA LEU A 59 -1.95 8.02 -2.90
C LEU A 59 -2.58 9.25 -2.25
N ASN A 60 -3.85 9.47 -2.54
CA ASN A 60 -4.58 10.62 -1.98
C ASN A 60 -4.72 10.48 -0.47
N ALA A 61 -5.06 11.59 0.19
CA ALA A 61 -5.24 11.60 1.64
C ALA A 61 -6.65 12.03 2.03
N ASP A 62 -7.21 11.35 3.01
CA ASP A 62 -8.56 11.66 3.48
C ASP A 62 -8.89 10.89 4.76
N CYS A 63 -7.91 10.79 5.64
CA CYS A 63 -8.08 10.07 6.90
C CYS A 63 -8.79 10.96 7.93
N GLN A 13 -3.02 12.82 6.43
CA GLN A 13 -2.56 11.76 5.49
C GLN A 13 -2.77 10.37 6.09
N HIS A 14 -2.93 9.38 5.23
CA HIS A 14 -3.16 8.00 5.67
C HIS A 14 -1.99 7.52 6.52
N ASN A 15 -2.30 6.87 7.64
CA ASN A 15 -1.27 6.34 8.52
C ASN A 15 -0.61 5.13 7.90
N PHE A 16 0.07 5.37 6.78
CA PHE A 16 0.75 4.31 6.05
C PHE A 16 1.89 3.71 6.86
N GLU A 17 1.79 2.41 7.12
CA GLU A 17 2.81 1.69 7.88
C GLU A 17 3.39 0.57 7.03
N VAL A 18 4.65 0.22 7.28
CA VAL A 18 5.30 -0.84 6.53
C VAL A 18 4.61 -2.18 6.74
N TRP A 19 3.87 -2.61 5.72
CA TRP A 19 3.15 -3.88 5.78
C TRP A 19 3.57 -4.78 4.63
N THR A 20 3.90 -6.03 4.94
CA THR A 20 4.31 -6.97 3.92
C THR A 20 3.14 -7.85 3.49
N ALA A 21 2.77 -7.74 2.22
CA ALA A 21 1.67 -8.51 1.67
C ALA A 21 1.97 -10.00 1.68
N THR A 22 1.26 -10.75 2.51
CA THR A 22 1.46 -12.20 2.60
C THR A 22 0.92 -12.88 1.35
N THR A 23 -0.03 -12.22 0.69
CA THR A 23 -0.65 -12.75 -0.52
C THR A 23 -0.78 -11.64 -1.56
N PRO A 24 -0.93 -12.00 -2.85
CA PRO A 24 -1.08 -11.02 -3.93
C PRO A 24 -2.07 -9.91 -3.58
N THR A 25 -1.55 -8.70 -3.41
CA THR A 25 -2.38 -7.55 -3.08
C THR A 25 -2.12 -6.39 -4.03
N TYR A 26 -3.20 -5.79 -4.54
CA TYR A 26 -3.08 -4.68 -5.48
C TYR A 26 -2.91 -3.35 -4.74
N CYS A 27 -2.33 -2.37 -5.42
CA CYS A 27 -2.11 -1.06 -4.85
C CYS A 27 -3.33 -0.17 -5.03
N TYR A 28 -3.84 0.36 -3.92
CA TYR A 28 -5.00 1.23 -3.95
C TYR A 28 -4.73 2.51 -4.74
N GLU A 29 -3.45 2.77 -5.01
CA GLU A 29 -3.06 3.96 -5.74
C GLU A 29 -3.06 3.74 -7.25
N CYS A 30 -2.28 2.76 -7.72
CA CYS A 30 -2.19 2.46 -9.15
C CYS A 30 -2.78 1.09 -9.49
N GLU A 31 -3.52 0.49 -8.55
CA GLU A 31 -4.12 -0.81 -8.77
C GLU A 31 -3.11 -1.79 -9.35
N GLY A 32 -1.92 -1.83 -8.77
CA GLY A 32 -0.88 -2.72 -9.24
C GLY A 32 -0.44 -3.72 -8.19
N LEU A 33 -0.55 -5.01 -8.53
CA LEU A 33 -0.16 -6.09 -7.62
C LEU A 33 1.21 -5.82 -7.00
N LEU A 34 1.32 -6.06 -5.70
CA LEU A 34 2.59 -5.86 -5.00
C LEU A 34 3.38 -7.16 -4.93
N TRP A 35 3.34 -7.91 -6.02
CA TRP A 35 4.05 -9.19 -6.10
C TRP A 35 5.19 -9.14 -7.11
N GLY A 36 5.60 -7.93 -7.49
CA GLY A 36 6.67 -7.79 -8.46
C GLY A 36 7.95 -8.47 -8.00
N ILE A 37 8.53 -7.98 -6.92
CA ILE A 37 9.76 -8.55 -6.38
C ILE A 37 9.71 -8.58 -4.86
N ALA A 38 9.59 -7.40 -4.26
CA ALA A 38 9.52 -7.30 -2.81
C ALA A 38 8.07 -7.19 -2.35
N ARG A 39 7.48 -8.35 -2.02
CA ARG A 39 6.09 -8.39 -1.56
C ARG A 39 5.79 -7.29 -0.55
N GLN A 40 6.83 -6.86 0.18
CA GLN A 40 6.68 -5.80 1.18
C GLN A 40 5.96 -4.59 0.60
N GLY A 41 5.07 -4.01 1.40
CA GLY A 41 4.32 -2.85 0.95
C GLY A 41 3.95 -1.92 2.08
N MET A 42 3.06 -0.97 1.80
CA MET A 42 2.60 -0.01 2.79
C MET A 42 1.10 -0.12 2.99
N ARG A 43 0.64 0.11 4.21
CA ARG A 43 -0.79 0.03 4.52
C ARG A 43 -1.18 1.04 5.59
N CYS A 44 -2.36 1.63 5.41
CA CYS A 44 -2.88 2.61 6.36
C CYS A 44 -3.47 1.90 7.58
N THR A 45 -3.25 2.46 8.75
CA THR A 45 -3.76 1.88 9.99
C THR A 45 -5.07 2.55 10.41
N GLU A 46 -5.81 3.04 9.42
CA GLU A 46 -7.08 3.71 9.67
C GLU A 46 -8.15 3.26 8.67
N CYS A 47 -7.74 3.11 7.41
CA CYS A 47 -8.68 2.69 6.37
C CYS A 47 -8.35 1.27 5.89
N GLY A 48 -7.19 0.77 6.27
CA GLY A 48 -6.80 -0.57 5.86
C GLY A 48 -6.29 -0.61 4.44
N VAL A 49 -6.15 0.55 3.81
CA VAL A 49 -5.66 0.63 2.44
C VAL A 49 -4.21 0.18 2.35
N LYS A 50 -3.86 -0.45 1.24
CA LYS A 50 -2.49 -0.93 1.03
C LYS A 50 -1.93 -0.42 -0.29
N CYS A 51 -0.67 -0.02 -0.28
CA CYS A 51 -0.02 0.49 -1.47
C CYS A 51 1.48 0.16 -1.47
N HIS A 52 2.16 0.55 -2.54
CA HIS A 52 3.59 0.32 -2.66
C HIS A 52 4.37 1.26 -1.74
N GLU A 53 5.68 1.09 -1.67
CA GLU A 53 6.51 1.92 -0.82
C GLU A 53 6.50 3.38 -1.27
N LYS A 54 6.46 3.61 -2.57
CA LYS A 54 6.45 4.97 -3.12
C LYS A 54 5.03 5.48 -3.28
N CYS A 55 4.10 4.58 -3.60
CA CYS A 55 2.72 4.96 -3.80
C CYS A 55 2.07 5.47 -2.51
N GLN A 56 2.69 5.14 -1.37
CA GLN A 56 2.18 5.59 -0.07
C GLN A 56 1.99 7.11 -0.07
N ASP A 57 2.85 7.80 -0.79
CA ASP A 57 2.78 9.25 -0.87
C ASP A 57 1.97 9.68 -2.09
N LEU A 58 2.11 8.94 -3.18
CA LEU A 58 1.38 9.24 -4.41
C LEU A 58 -0.12 9.02 -4.22
N LEU A 59 -0.48 8.11 -3.32
CA LEU A 59 -1.89 7.81 -3.05
C LEU A 59 -2.65 9.08 -2.65
N ASN A 60 -3.94 9.10 -2.95
CA ASN A 60 -4.79 10.24 -2.63
C ASN A 60 -5.13 10.26 -1.14
N ALA A 61 -4.57 11.24 -0.42
CA ALA A 61 -4.82 11.38 1.00
C ALA A 61 -6.25 11.84 1.28
N ASP A 62 -6.85 11.29 2.32
CA ASP A 62 -8.21 11.65 2.69
C ASP A 62 -8.64 10.92 3.96
N CYS A 63 -7.72 10.81 4.91
CA CYS A 63 -8.00 10.14 6.18
C CYS A 63 -8.81 11.04 7.10
N GLN A 13 -3.76 12.69 6.69
CA GLN A 13 -3.31 11.71 5.67
C GLN A 13 -3.36 10.29 6.22
N HIS A 14 -3.45 9.32 5.32
CA HIS A 14 -3.51 7.91 5.72
C HIS A 14 -2.28 7.51 6.51
N ASN A 15 -2.49 6.81 7.61
CA ASN A 15 -1.39 6.36 8.46
C ASN A 15 -0.72 5.14 7.84
N PHE A 16 -0.17 5.33 6.65
CA PHE A 16 0.50 4.26 5.93
C PHE A 16 1.69 3.73 6.71
N GLU A 17 1.69 2.42 6.96
CA GLU A 17 2.78 1.77 7.69
C GLU A 17 3.38 0.65 6.85
N VAL A 18 4.63 0.32 7.11
CA VAL A 18 5.31 -0.72 6.37
C VAL A 18 4.63 -2.07 6.58
N TRP A 19 3.89 -2.52 5.56
CA TRP A 19 3.18 -3.78 5.62
C TRP A 19 3.60 -4.69 4.46
N THR A 20 3.92 -5.94 4.77
CA THR A 20 4.32 -6.89 3.74
C THR A 20 3.16 -7.80 3.36
N ALA A 21 2.74 -7.70 2.12
CA ALA A 21 1.63 -8.51 1.62
C ALA A 21 1.96 -9.99 1.67
N THR A 22 1.18 -10.74 2.43
CA THR A 22 1.39 -12.18 2.55
C THR A 22 0.88 -12.88 1.30
N THR A 23 -0.08 -12.26 0.63
CA THR A 23 -0.67 -12.80 -0.59
C THR A 23 -0.81 -11.68 -1.62
N PRO A 24 -0.94 -12.05 -2.91
CA PRO A 24 -1.08 -11.07 -4.00
C PRO A 24 -2.07 -9.96 -3.65
N THR A 25 -1.58 -8.75 -3.47
CA THR A 25 -2.42 -7.60 -3.14
C THR A 25 -2.13 -6.42 -4.07
N TYR A 26 -3.18 -5.89 -4.67
CA TYR A 26 -3.06 -4.76 -5.60
C TYR A 26 -2.88 -3.45 -4.84
N CYS A 27 -2.28 -2.46 -5.52
CA CYS A 27 -2.04 -1.15 -4.92
C CYS A 27 -3.24 -0.23 -5.16
N TYR A 28 -3.84 0.24 -4.07
CA TYR A 28 -4.99 1.13 -4.17
C TYR A 28 -4.66 2.39 -4.94
N GLU A 29 -3.37 2.69 -5.07
CA GLU A 29 -2.91 3.88 -5.78
C GLU A 29 -2.90 3.67 -7.29
N CYS A 30 -2.15 2.68 -7.77
CA CYS A 30 -2.06 2.41 -9.19
C CYS A 30 -2.65 1.05 -9.57
N GLU A 31 -3.44 0.47 -8.66
CA GLU A 31 -4.06 -0.82 -8.90
C GLU A 31 -3.05 -1.83 -9.47
N GLY A 32 -1.88 -1.90 -8.85
CA GLY A 32 -0.85 -2.82 -9.31
C GLY A 32 -0.42 -3.82 -8.26
N LEU A 33 -0.51 -5.10 -8.59
CA LEU A 33 -0.13 -6.17 -7.69
C LEU A 33 1.22 -5.89 -7.04
N LEU A 34 1.29 -6.08 -5.72
CA LEU A 34 2.51 -5.85 -4.97
C LEU A 34 3.33 -7.13 -4.84
N TRP A 35 3.36 -7.92 -5.91
CA TRP A 35 4.10 -9.17 -5.91
C TRP A 35 5.34 -9.08 -6.78
N GLY A 36 5.90 -7.87 -6.87
CA GLY A 36 7.09 -7.67 -7.67
C GLY A 36 8.36 -7.93 -6.89
N ILE A 37 8.72 -9.20 -6.75
CA ILE A 37 9.93 -9.59 -6.02
C ILE A 37 9.77 -9.32 -4.52
N ALA A 38 9.71 -8.04 -4.16
CA ALA A 38 9.55 -7.66 -2.75
C ALA A 38 8.09 -7.49 -2.40
N ARG A 39 7.48 -8.56 -1.89
CA ARG A 39 6.09 -8.53 -1.48
C ARG A 39 5.79 -7.36 -0.55
N GLN A 40 6.84 -6.87 0.12
CA GLN A 40 6.70 -5.75 1.05
C GLN A 40 5.84 -4.63 0.45
N GLY A 41 5.21 -3.84 1.32
CA GLY A 41 4.36 -2.76 0.87
C GLY A 41 4.00 -1.79 1.98
N MET A 42 2.99 -0.96 1.72
CA MET A 42 2.54 0.02 2.70
C MET A 42 1.03 -0.10 2.90
N ARG A 43 0.57 0.10 4.13
CA ARG A 43 -0.86 0.00 4.42
C ARG A 43 -1.28 0.98 5.50
N CYS A 44 -2.45 1.58 5.32
CA CYS A 44 -2.98 2.53 6.29
C CYS A 44 -3.55 1.79 7.51
N THR A 45 -3.34 2.35 8.69
CA THR A 45 -3.84 1.73 9.92
C THR A 45 -5.15 2.37 10.35
N GLU A 46 -5.92 2.82 9.37
CA GLU A 46 -7.21 3.46 9.63
C GLU A 46 -8.27 3.01 8.64
N CYS A 47 -7.87 2.87 7.38
CA CYS A 47 -8.79 2.44 6.33
C CYS A 47 -8.42 1.07 5.79
N GLY A 48 -7.16 0.68 5.98
CA GLY A 48 -6.70 -0.61 5.51
C GLY A 48 -6.14 -0.55 4.09
N VAL A 49 -6.15 0.65 3.51
CA VAL A 49 -5.64 0.84 2.15
C VAL A 49 -4.18 0.42 2.05
N LYS A 50 -3.88 -0.46 1.10
CA LYS A 50 -2.52 -0.94 0.90
C LYS A 50 -1.95 -0.43 -0.41
N CYS A 51 -0.69 -0.04 -0.38
CA CYS A 51 -0.02 0.46 -1.58
C CYS A 51 1.47 0.14 -1.57
N HIS A 52 2.17 0.52 -2.63
CA HIS A 52 3.60 0.27 -2.72
C HIS A 52 4.37 1.21 -1.80
N GLU A 53 5.67 1.01 -1.70
CA GLU A 53 6.51 1.84 -0.84
C GLU A 53 6.51 3.30 -1.29
N LYS A 54 6.49 3.52 -2.59
CA LYS A 54 6.49 4.87 -3.15
C LYS A 54 5.07 5.39 -3.35
N CYS A 55 4.18 4.51 -3.79
CA CYS A 55 2.79 4.90 -4.02
C CYS A 55 2.13 5.42 -2.75
N GLN A 56 2.71 5.09 -1.59
CA GLN A 56 2.16 5.54 -0.32
C GLN A 56 2.05 7.06 -0.29
N ASP A 57 3.05 7.73 -0.85
CA ASP A 57 3.07 9.19 -0.89
C ASP A 57 2.24 9.69 -2.07
N LEU A 58 2.26 8.94 -3.16
CA LEU A 58 1.51 9.31 -4.36
C LEU A 58 0.01 9.15 -4.13
N LEU A 59 -0.36 8.18 -3.29
CA LEU A 59 -1.76 7.92 -2.99
C LEU A 59 -2.43 9.15 -2.37
N ASN A 60 -3.71 9.33 -2.68
CA ASN A 60 -4.47 10.47 -2.15
C ASN A 60 -4.50 10.44 -0.62
N ALA A 61 -5.30 11.32 -0.04
CA ALA A 61 -5.43 11.39 1.41
C ALA A 61 -6.82 11.86 1.81
N ASP A 62 -7.30 11.34 2.95
CA ASP A 62 -8.63 11.69 3.45
C ASP A 62 -8.83 11.14 4.86
N CYS A 63 -7.79 11.22 5.67
CA CYS A 63 -7.86 10.73 7.05
C CYS A 63 -7.95 11.89 8.03
N GLN A 13 -3.55 12.80 6.45
CA GLN A 13 -2.91 11.77 5.59
C GLN A 13 -3.07 10.38 6.18
N HIS A 14 -3.22 9.39 5.31
CA HIS A 14 -3.38 8.00 5.75
C HIS A 14 -2.18 7.55 6.58
N ASN A 15 -2.45 6.89 7.70
CA ASN A 15 -1.40 6.39 8.57
C ASN A 15 -0.72 5.19 7.93
N PHE A 16 -0.06 5.43 6.81
CA PHE A 16 0.62 4.37 6.07
C PHE A 16 1.78 3.79 6.87
N GLU A 17 1.72 2.48 7.10
CA GLU A 17 2.75 1.78 7.85
C GLU A 17 3.34 0.66 7.01
N VAL A 18 4.61 0.34 7.24
CA VAL A 18 5.28 -0.72 6.50
C VAL A 18 4.61 -2.06 6.71
N TRP A 19 3.88 -2.52 5.71
CA TRP A 19 3.18 -3.80 5.78
C TRP A 19 3.60 -4.69 4.62
N THR A 20 3.93 -5.95 4.93
CA THR A 20 4.35 -6.89 3.91
C THR A 20 3.18 -7.73 3.43
N ALA A 21 2.91 -7.67 2.13
CA ALA A 21 1.80 -8.42 1.53
C ALA A 21 2.06 -9.91 1.61
N THR A 22 1.29 -10.60 2.46
CA THR A 22 1.43 -12.04 2.60
C THR A 22 0.95 -12.74 1.33
N THR A 23 0.03 -12.10 0.64
CA THR A 23 -0.52 -12.62 -0.60
C THR A 23 -0.62 -11.52 -1.64
N PRO A 24 -0.74 -11.87 -2.93
CA PRO A 24 -0.84 -10.88 -4.01
C PRO A 24 -1.85 -9.77 -3.70
N THR A 25 -1.34 -8.57 -3.46
CA THR A 25 -2.20 -7.43 -3.14
C THR A 25 -1.95 -6.27 -4.10
N TYR A 26 -3.03 -5.72 -4.64
CA TYR A 26 -2.94 -4.61 -5.57
C TYR A 26 -2.77 -3.28 -4.83
N CYS A 27 -2.21 -2.29 -5.51
CA CYS A 27 -1.99 -0.98 -4.93
C CYS A 27 -3.21 -0.09 -5.10
N TYR A 28 -3.75 0.41 -3.99
CA TYR A 28 -4.92 1.26 -4.02
C TYR A 28 -4.65 2.55 -4.79
N GLU A 29 -3.37 2.84 -5.04
CA GLU A 29 -2.98 4.06 -5.74
C GLU A 29 -2.94 3.84 -7.26
N CYS A 30 -2.15 2.87 -7.71
CA CYS A 30 -2.03 2.60 -9.15
C CYS A 30 -2.61 1.24 -9.53
N GLU A 31 -3.38 0.64 -8.62
CA GLU A 31 -3.98 -0.68 -8.86
C GLU A 31 -2.96 -1.65 -9.44
N GLY A 32 -1.79 -1.73 -8.81
CA GLY A 32 -0.75 -2.62 -9.29
C GLY A 32 -0.33 -3.64 -8.24
N LEU A 33 -0.42 -4.92 -8.59
CA LEU A 33 -0.04 -6.00 -7.71
C LEU A 33 1.30 -5.73 -7.04
N LEU A 34 1.36 -5.97 -5.73
CA LEU A 34 2.58 -5.76 -4.97
C LEU A 34 3.39 -7.04 -4.86
N TRP A 35 3.43 -7.80 -5.97
CA TRP A 35 4.16 -9.06 -6.00
C TRP A 35 5.39 -8.95 -6.90
N GLY A 36 5.97 -10.10 -7.25
CA GLY A 36 7.14 -10.10 -8.11
C GLY A 36 8.40 -10.54 -7.37
N ILE A 37 8.90 -9.66 -6.51
CA ILE A 37 10.11 -9.96 -5.75
C ILE A 37 9.93 -9.58 -4.27
N ALA A 38 9.68 -8.30 -4.02
CA ALA A 38 9.50 -7.82 -2.67
C ALA A 38 8.02 -7.60 -2.36
N ARG A 39 7.36 -8.63 -1.86
CA ARG A 39 5.94 -8.55 -1.51
C ARG A 39 5.66 -7.37 -0.59
N GLN A 40 6.71 -6.91 0.10
CA GLN A 40 6.59 -5.78 1.04
C GLN A 40 5.73 -4.66 0.46
N GLY A 41 5.11 -3.88 1.34
CA GLY A 41 4.27 -2.78 0.91
C GLY A 41 3.91 -1.84 2.04
N MET A 42 2.99 -0.93 1.77
CA MET A 42 2.54 0.05 2.76
C MET A 42 1.03 -0.06 2.96
N ARG A 43 0.58 0.13 4.20
CA ARG A 43 -0.85 0.04 4.49
C ARG A 43 -1.24 1.05 5.57
N CYS A 44 -2.42 1.65 5.40
CA CYS A 44 -2.92 2.62 6.36
C CYS A 44 -3.45 1.92 7.61
N THR A 45 -3.26 2.53 8.77
CA THR A 45 -3.72 1.95 10.03
C THR A 45 -5.04 2.57 10.45
N GLU A 46 -5.84 2.97 9.47
CA GLU A 46 -7.14 3.59 9.74
C GLU A 46 -8.19 3.11 8.75
N CYS A 47 -7.80 2.99 7.47
CA CYS A 47 -8.71 2.54 6.43
C CYS A 47 -8.30 1.18 5.89
N GLY A 48 -7.04 0.81 6.10
CA GLY A 48 -6.56 -0.47 5.62
C GLY A 48 -6.06 -0.41 4.19
N VAL A 49 -6.05 0.79 3.61
CA VAL A 49 -5.60 0.98 2.24
C VAL A 49 -4.13 0.58 2.09
N LYS A 50 -3.88 -0.39 1.21
CA LYS A 50 -2.52 -0.86 0.99
C LYS A 50 -1.96 -0.35 -0.33
N CYS A 51 -0.70 0.06 -0.31
CA CYS A 51 -0.05 0.57 -1.50
C CYS A 51 1.44 0.26 -1.48
N HIS A 52 2.14 0.64 -2.55
CA HIS A 52 3.58 0.41 -2.64
C HIS A 52 4.32 1.36 -1.71
N GLU A 53 5.65 1.31 -1.74
CA GLU A 53 6.47 2.17 -0.89
C GLU A 53 6.45 3.62 -1.39
N LYS A 54 6.44 3.80 -2.71
CA LYS A 54 6.43 5.13 -3.30
C LYS A 54 5.00 5.62 -3.53
N CYS A 55 4.10 4.69 -3.81
CA CYS A 55 2.71 5.04 -4.07
C CYS A 55 1.99 5.45 -2.78
N GLN A 56 2.51 4.99 -1.64
CA GLN A 56 1.91 5.32 -0.36
C GLN A 56 1.86 6.84 -0.17
N ASP A 57 2.78 7.54 -0.81
CA ASP A 57 2.84 9.00 -0.72
C ASP A 57 2.06 9.63 -1.87
N LEU A 58 2.10 8.98 -3.03
CA LEU A 58 1.40 9.47 -4.21
C LEU A 58 -0.12 9.28 -4.07
N LEU A 59 -0.51 8.26 -3.30
CA LEU A 59 -1.92 7.97 -3.09
C LEU A 59 -2.66 9.19 -2.55
N ASN A 60 -3.97 9.24 -2.82
CA ASN A 60 -4.79 10.35 -2.37
C ASN A 60 -5.16 10.21 -0.89
N ALA A 61 -4.96 11.29 -0.13
CA ALA A 61 -5.26 11.29 1.29
C ALA A 61 -6.75 11.48 1.53
N ASP A 62 -7.28 10.77 2.53
CA ASP A 62 -8.69 10.87 2.87
C ASP A 62 -8.93 10.51 4.33
N CYS A 63 -8.01 10.94 5.20
CA CYS A 63 -8.11 10.67 6.63
C CYS A 63 -8.36 11.95 7.41
N GLN A 13 -4.96 12.11 7.39
CA GLN A 13 -4.10 11.44 6.40
C GLN A 13 -3.93 9.96 6.71
N HIS A 14 -3.85 9.14 5.67
CA HIS A 14 -3.69 7.70 5.85
C HIS A 14 -2.36 7.37 6.52
N ASN A 15 -2.44 6.72 7.67
CA ASN A 15 -1.23 6.34 8.41
C ASN A 15 -0.56 5.15 7.74
N PHE A 16 -0.10 5.36 6.52
CA PHE A 16 0.55 4.31 5.75
C PHE A 16 1.82 3.83 6.45
N GLU A 17 1.79 2.58 6.90
CA GLU A 17 2.92 1.98 7.58
C GLU A 17 3.50 0.84 6.75
N VAL A 18 4.76 0.52 6.97
CA VAL A 18 5.41 -0.55 6.23
C VAL A 18 4.74 -1.89 6.50
N TRP A 19 3.96 -2.36 5.52
CA TRP A 19 3.26 -3.63 5.63
C TRP A 19 3.67 -4.57 4.51
N THR A 20 3.95 -5.82 4.87
CA THR A 20 4.35 -6.81 3.88
C THR A 20 3.17 -7.68 3.50
N ALA A 21 2.79 -7.63 2.22
CA ALA A 21 1.67 -8.41 1.71
C ALA A 21 1.98 -9.90 1.74
N THR A 22 1.26 -10.63 2.57
CA THR A 22 1.45 -12.07 2.68
C THR A 22 0.90 -12.78 1.44
N THR A 23 -0.07 -12.13 0.80
CA THR A 23 -0.70 -12.66 -0.40
C THR A 23 -0.81 -11.57 -1.47
N PRO A 24 -0.95 -11.96 -2.74
CA PRO A 24 -1.07 -11.00 -3.85
C PRO A 24 -2.05 -9.87 -3.54
N THR A 25 -1.51 -8.66 -3.40
CA THR A 25 -2.34 -7.49 -3.11
C THR A 25 -2.06 -6.36 -4.10
N TYR A 26 -3.12 -5.75 -4.61
CA TYR A 26 -2.99 -4.65 -5.57
C TYR A 26 -2.83 -3.31 -4.86
N CYS A 27 -2.23 -2.36 -5.57
CA CYS A 27 -2.01 -1.02 -5.02
C CYS A 27 -3.24 -0.13 -5.20
N TYR A 28 -3.75 0.41 -4.11
CA TYR A 28 -4.92 1.27 -4.15
C TYR A 28 -4.65 2.53 -4.99
N GLU A 29 -3.38 2.79 -5.27
CA GLU A 29 -3.00 3.98 -6.04
C GLU A 29 -2.99 3.70 -7.54
N CYS A 30 -2.21 2.71 -7.98
CA CYS A 30 -2.12 2.38 -9.39
C CYS A 30 -2.71 1.00 -9.70
N GLU A 31 -3.45 0.45 -8.74
CA GLU A 31 -4.07 -0.87 -8.92
C GLU A 31 -3.08 -1.87 -9.49
N GLY A 32 -1.90 -1.96 -8.87
CA GLY A 32 -0.88 -2.88 -9.33
C GLY A 32 -0.44 -3.85 -8.26
N LEU A 33 -0.54 -5.15 -8.57
CA LEU A 33 -0.14 -6.21 -7.66
C LEU A 33 1.22 -5.91 -7.02
N LEU A 34 1.31 -6.11 -5.71
CA LEU A 34 2.56 -5.87 -4.99
C LEU A 34 3.37 -7.16 -4.85
N TRP A 35 3.37 -7.96 -5.92
CA TRP A 35 4.10 -9.22 -5.92
C TRP A 35 5.33 -9.13 -6.82
N GLY A 36 6.42 -9.76 -6.40
CA GLY A 36 7.64 -9.74 -7.18
C GLY A 36 8.88 -9.57 -6.32
N ILE A 37 9.41 -10.70 -5.85
CA ILE A 37 10.60 -10.69 -5.01
C ILE A 37 10.31 -10.07 -3.64
N ALA A 38 10.06 -8.76 -3.62
CA ALA A 38 9.78 -8.06 -2.37
C ALA A 38 8.28 -7.82 -2.21
N ARG A 39 7.59 -8.79 -1.63
CA ARG A 39 6.16 -8.67 -1.40
C ARG A 39 5.82 -7.46 -0.53
N GLN A 40 6.84 -6.96 0.19
CA GLN A 40 6.67 -5.81 1.07
C GLN A 40 5.78 -4.73 0.44
N GLY A 41 5.23 -3.86 1.28
CA GLY A 41 4.36 -2.80 0.81
C GLY A 41 4.00 -1.81 1.91
N MET A 42 3.05 -0.94 1.60
CA MET A 42 2.58 0.06 2.56
C MET A 42 1.07 -0.08 2.79
N ARG A 43 0.63 0.15 4.02
CA ARG A 43 -0.79 0.03 4.34
C ARG A 43 -1.20 1.04 5.42
N CYS A 44 -2.40 1.60 5.26
CA CYS A 44 -2.93 2.55 6.22
C CYS A 44 -3.45 1.82 7.45
N THR A 45 -3.26 2.42 8.63
CA THR A 45 -3.71 1.82 9.87
C THR A 45 -5.05 2.42 10.31
N GLU A 46 -5.84 2.83 9.33
CA GLU A 46 -7.15 3.43 9.62
C GLU A 46 -8.21 2.92 8.65
N CYS A 47 -7.84 2.78 7.38
CA CYS A 47 -8.77 2.30 6.37
C CYS A 47 -8.38 0.92 5.88
N GLY A 48 -7.12 0.55 6.08
CA GLY A 48 -6.65 -0.75 5.64
C GLY A 48 -6.09 -0.72 4.22
N VAL A 49 -6.17 0.44 3.57
CA VAL A 49 -5.66 0.59 2.21
C VAL A 49 -4.20 0.17 2.13
N LYS A 50 -3.81 -0.42 1.01
CA LYS A 50 -2.43 -0.86 0.82
C LYS A 50 -1.87 -0.33 -0.49
N CYS A 51 -0.60 0.05 -0.47
CA CYS A 51 0.06 0.58 -1.66
C CYS A 51 1.54 0.22 -1.67
N HIS A 52 2.24 0.62 -2.73
CA HIS A 52 3.65 0.35 -2.86
C HIS A 52 4.45 1.31 -1.97
N GLU A 53 5.77 1.16 -1.98
CA GLU A 53 6.64 2.01 -1.16
C GLU A 53 6.63 3.46 -1.64
N LYS A 54 6.55 3.65 -2.96
CA LYS A 54 6.54 4.99 -3.53
C LYS A 54 5.12 5.52 -3.69
N CYS A 55 4.18 4.63 -3.99
CA CYS A 55 2.79 5.02 -4.16
C CYS A 55 2.19 5.56 -2.87
N GLN A 56 2.78 5.20 -1.73
CA GLN A 56 2.29 5.65 -0.44
C GLN A 56 2.25 7.18 -0.39
N ASP A 57 3.24 7.82 -1.02
CA ASP A 57 3.31 9.27 -1.06
C ASP A 57 2.42 9.81 -2.18
N LEU A 58 2.34 9.07 -3.28
CA LEU A 58 1.53 9.48 -4.41
C LEU A 58 0.04 9.38 -4.08
N LEU A 59 -0.31 8.40 -3.25
CA LEU A 59 -1.70 8.20 -2.85
C LEU A 59 -2.25 9.43 -2.14
N ASN A 60 -3.48 9.80 -2.47
CA ASN A 60 -4.12 10.96 -1.85
C ASN A 60 -4.40 10.70 -0.38
N ALA A 61 -5.01 11.68 0.28
CA ALA A 61 -5.33 11.56 1.71
C ALA A 61 -6.81 11.81 1.96
N ASP A 62 -7.40 11.05 2.87
CA ASP A 62 -8.81 11.19 3.20
C ASP A 62 -9.14 10.46 4.49
N CYS A 63 -8.39 10.76 5.56
CA CYS A 63 -8.60 10.13 6.85
C CYS A 63 -9.19 11.12 7.85
N GLN A 13 -4.19 12.55 7.41
CA GLN A 13 -3.60 11.72 6.34
C GLN A 13 -3.55 10.25 6.74
N HIS A 14 -3.46 9.37 5.76
CA HIS A 14 -3.40 7.93 6.00
C HIS A 14 -2.12 7.56 6.74
N ASN A 15 -2.26 6.83 7.83
CA ASN A 15 -1.11 6.39 8.61
C ASN A 15 -0.46 5.19 7.95
N PHE A 16 0.05 5.40 6.75
CA PHE A 16 0.69 4.34 5.99
C PHE A 16 1.91 3.78 6.72
N GLU A 17 1.83 2.51 7.10
CA GLU A 17 2.92 1.84 7.80
C GLU A 17 3.48 0.72 6.93
N VAL A 18 4.74 0.37 7.15
CA VAL A 18 5.38 -0.69 6.39
C VAL A 18 4.69 -2.03 6.60
N TRP A 19 3.92 -2.46 5.60
CA TRP A 19 3.20 -3.72 5.66
C TRP A 19 3.61 -4.63 4.50
N THR A 20 3.97 -5.86 4.82
CA THR A 20 4.37 -6.81 3.78
C THR A 20 3.20 -7.72 3.41
N ALA A 21 2.78 -7.64 2.16
CA ALA A 21 1.67 -8.46 1.68
C ALA A 21 2.02 -9.94 1.74
N THR A 22 1.25 -10.70 2.50
CA THR A 22 1.47 -12.13 2.62
C THR A 22 0.94 -12.85 1.38
N THR A 23 -0.06 -12.24 0.75
CA THR A 23 -0.67 -12.79 -0.46
C THR A 23 -0.83 -11.69 -1.51
N PRO A 24 -0.99 -12.06 -2.78
CA PRO A 24 -1.15 -11.09 -3.87
C PRO A 24 -2.14 -9.99 -3.51
N THR A 25 -1.62 -8.77 -3.35
CA THR A 25 -2.46 -7.63 -3.00
C THR A 25 -2.18 -6.45 -3.94
N TYR A 26 -3.23 -5.94 -4.56
CA TYR A 26 -3.12 -4.82 -5.49
C TYR A 26 -2.92 -3.50 -4.74
N CYS A 27 -2.33 -2.52 -5.43
CA CYS A 27 -2.08 -1.22 -4.84
C CYS A 27 -3.29 -0.30 -5.02
N TYR A 28 -3.84 0.15 -3.91
CA TYR A 28 -5.00 1.04 -3.94
C TYR A 28 -4.71 2.31 -4.73
N GLU A 29 -3.43 2.60 -4.93
CA GLU A 29 -3.03 3.80 -5.67
C GLU A 29 -3.05 3.59 -7.19
N CYS A 30 -2.29 2.60 -7.65
CA CYS A 30 -2.22 2.32 -9.10
C CYS A 30 -2.82 0.96 -9.44
N GLU A 31 -3.58 0.38 -8.51
CA GLU A 31 -4.21 -0.92 -8.74
C GLU A 31 -3.22 -1.92 -9.34
N GLY A 32 -2.03 -2.00 -8.75
CA GLY A 32 -1.02 -2.91 -9.24
C GLY A 32 -0.57 -3.91 -8.19
N LEU A 33 -0.66 -5.20 -8.54
CA LEU A 33 -0.26 -6.27 -7.64
C LEU A 33 1.11 -5.98 -7.00
N LEU A 34 1.19 -6.18 -5.69
CA LEU A 34 2.43 -5.94 -4.95
C LEU A 34 3.25 -7.22 -4.82
N TRP A 35 3.25 -8.02 -5.89
CA TRP A 35 3.98 -9.27 -5.89
C TRP A 35 5.21 -9.19 -6.80
N GLY A 36 5.76 -7.98 -6.91
CA GLY A 36 6.93 -7.78 -7.75
C GLY A 36 8.22 -8.01 -6.98
N ILE A 37 8.60 -9.27 -6.83
CA ILE A 37 9.82 -9.63 -6.11
C ILE A 37 9.68 -9.34 -4.61
N ALA A 38 9.60 -8.06 -4.27
CA ALA A 38 9.47 -7.65 -2.88
C ALA A 38 8.01 -7.51 -2.48
N ARG A 39 7.44 -8.58 -1.94
CA ARG A 39 6.04 -8.57 -1.50
C ARG A 39 5.76 -7.40 -0.57
N GLN A 40 6.81 -6.89 0.07
CA GLN A 40 6.68 -5.77 1.01
C GLN A 40 5.80 -4.67 0.43
N GLY A 41 5.18 -3.88 1.32
CA GLY A 41 4.32 -2.80 0.88
C GLY A 41 3.97 -1.84 2.00
N MET A 42 3.03 -0.95 1.73
CA MET A 42 2.59 0.04 2.71
C MET A 42 1.08 -0.06 2.92
N ARG A 43 0.63 0.17 4.15
CA ARG A 43 -0.79 0.10 4.46
C ARG A 43 -1.18 1.11 5.53
N CYS A 44 -2.34 1.71 5.38
CA CYS A 44 -2.84 2.68 6.36
C CYS A 44 -3.36 1.97 7.60
N THR A 45 -3.14 2.56 8.76
CA THR A 45 -3.58 1.98 10.02
C THR A 45 -4.88 2.63 10.49
N GLU A 46 -5.69 3.05 9.51
CA GLU A 46 -6.97 3.69 9.81
C GLU A 46 -8.06 3.20 8.86
N CYS A 47 -7.71 3.04 7.59
CA CYS A 47 -8.66 2.60 6.58
C CYS A 47 -8.33 1.19 6.09
N GLY A 48 -7.09 0.77 6.29
CA GLY A 48 -6.67 -0.54 5.86
C GLY A 48 -6.11 -0.55 4.44
N VAL A 49 -6.18 0.60 3.77
CA VAL A 49 -5.68 0.72 2.41
C VAL A 49 -4.23 0.27 2.32
N LYS A 50 -3.88 -0.39 1.21
CA LYS A 50 -2.53 -0.87 1.01
C LYS A 50 -1.97 -0.39 -0.33
N CYS A 51 -0.70 -0.03 -0.33
CA CYS A 51 -0.04 0.45 -1.55
C CYS A 51 1.44 0.09 -1.54
N HIS A 52 2.13 0.44 -2.62
CA HIS A 52 3.55 0.16 -2.74
C HIS A 52 4.35 1.08 -1.83
N GLU A 53 5.66 0.88 -1.77
CA GLU A 53 6.52 1.70 -0.92
C GLU A 53 6.54 3.16 -1.38
N LYS A 54 6.46 3.37 -2.68
CA LYS A 54 6.47 4.73 -3.24
C LYS A 54 5.06 5.27 -3.38
N CYS A 55 4.15 4.44 -3.86
CA CYS A 55 2.76 4.83 -4.06
C CYS A 55 2.14 5.37 -2.77
N GLN A 56 2.72 5.00 -1.63
CA GLN A 56 2.21 5.45 -0.34
C GLN A 56 2.11 6.97 -0.30
N ASP A 57 3.12 7.63 -0.88
CA ASP A 57 3.15 9.09 -0.92
C ASP A 57 2.32 9.60 -2.09
N LEU A 58 2.29 8.83 -3.18
CA LEU A 58 1.53 9.21 -4.37
C LEU A 58 0.03 9.10 -4.12
N LEU A 59 -0.35 8.17 -3.24
CA LEU A 59 -1.76 7.95 -2.91
C LEU A 59 -2.39 9.23 -2.34
N ASN A 60 -3.57 9.58 -2.85
CA ASN A 60 -4.27 10.77 -2.40
C ASN A 60 -4.83 10.55 -0.99
N ALA A 61 -4.64 11.56 -0.13
CA ALA A 61 -5.13 11.48 1.25
C ALA A 61 -6.65 11.48 1.29
N ASP A 62 -7.21 10.87 2.33
CA ASP A 62 -8.65 10.81 2.49
C ASP A 62 -9.02 10.13 3.81
N CYS A 63 -8.27 10.44 4.86
CA CYS A 63 -8.51 9.87 6.18
C CYS A 63 -9.41 10.79 7.01
N GLN A 13 -3.28 12.74 6.53
CA GLN A 13 -2.82 11.67 5.60
C GLN A 13 -3.02 10.29 6.22
N HIS A 14 -3.20 9.29 5.35
CA HIS A 14 -3.39 7.92 5.81
C HIS A 14 -2.20 7.44 6.63
N ASN A 15 -2.47 6.75 7.72
CA ASN A 15 -1.43 6.21 8.58
C ASN A 15 -0.77 5.00 7.94
N PHE A 16 -0.15 5.22 6.79
CA PHE A 16 0.50 4.16 6.04
C PHE A 16 1.70 3.60 6.81
N GLU A 17 1.67 2.30 7.06
CA GLU A 17 2.75 1.63 7.77
C GLU A 17 3.33 0.51 6.93
N VAL A 18 4.58 0.15 7.18
CA VAL A 18 5.23 -0.91 6.43
C VAL A 18 4.52 -2.24 6.62
N TRP A 19 3.78 -2.66 5.60
CA TRP A 19 3.04 -3.92 5.65
C TRP A 19 3.48 -4.82 4.49
N THR A 20 3.82 -6.07 4.80
CA THR A 20 4.22 -7.02 3.78
C THR A 20 3.06 -7.89 3.35
N ALA A 21 2.68 -7.78 2.08
CA ALA A 21 1.57 -8.54 1.54
C ALA A 21 1.88 -10.04 1.57
N THR A 22 1.17 -10.77 2.43
CA THR A 22 1.38 -12.21 2.54
C THR A 22 0.86 -12.91 1.29
N THR A 23 -0.07 -12.25 0.59
CA THR A 23 -0.65 -12.79 -0.63
C THR A 23 -0.77 -11.68 -1.68
N PRO A 24 -0.89 -12.05 -2.96
CA PRO A 24 -1.01 -11.07 -4.06
C PRO A 24 -2.03 -9.98 -3.73
N THR A 25 -1.54 -8.75 -3.55
CA THR A 25 -2.40 -7.62 -3.24
C THR A 25 -2.10 -6.44 -4.17
N TYR A 26 -3.16 -5.81 -4.68
CA TYR A 26 -3.04 -4.67 -5.58
C TYR A 26 -2.87 -3.37 -4.83
N CYS A 27 -2.26 -2.38 -5.48
CA CYS A 27 -2.04 -1.07 -4.88
C CYS A 27 -3.26 -0.17 -5.07
N TYR A 28 -3.82 0.32 -3.98
CA TYR A 28 -4.98 1.18 -4.03
C TYR A 28 -4.68 2.47 -4.80
N GLU A 29 -3.40 2.76 -4.99
CA GLU A 29 -2.99 3.97 -5.71
C GLU A 29 -2.99 3.78 -7.21
N CYS A 30 -2.23 2.79 -7.70
CA CYS A 30 -2.15 2.53 -9.13
C CYS A 30 -2.72 1.16 -9.50
N GLU A 31 -3.47 0.56 -8.59
CA GLU A 31 -4.07 -0.76 -8.82
C GLU A 31 -3.05 -1.72 -9.43
N GLY A 32 -1.89 -1.84 -8.79
CA GLY A 32 -0.86 -2.73 -9.27
C GLY A 32 -0.40 -3.74 -8.24
N LEU A 33 -0.50 -5.02 -8.60
CA LEU A 33 -0.10 -6.11 -7.71
C LEU A 33 1.25 -5.83 -7.07
N LEU A 34 1.34 -6.05 -5.76
CA LEU A 34 2.58 -5.82 -5.02
C LEU A 34 3.40 -7.10 -4.92
N TRP A 35 3.42 -7.88 -6.00
CA TRP A 35 4.16 -9.13 -6.02
C TRP A 35 5.40 -9.01 -6.90
N GLY A 36 6.02 -7.83 -6.87
CA GLY A 36 7.22 -7.61 -7.66
C GLY A 36 8.49 -7.80 -6.85
N ILE A 37 8.93 -9.04 -6.74
CA ILE A 37 10.14 -9.37 -5.99
C ILE A 37 9.94 -9.15 -4.50
N ALA A 38 9.81 -7.90 -4.10
CA ALA A 38 9.61 -7.56 -2.70
C ALA A 38 8.13 -7.43 -2.36
N ARG A 39 7.53 -8.54 -1.92
CA ARG A 39 6.12 -8.56 -1.55
C ARG A 39 5.78 -7.42 -0.59
N GLN A 40 6.79 -6.92 0.13
CA GLN A 40 6.60 -5.83 1.08
C GLN A 40 5.74 -4.72 0.49
N GLY A 41 5.10 -3.95 1.37
CA GLY A 41 4.24 -2.87 0.92
C GLY A 41 3.89 -1.90 2.04
N MET A 42 2.93 -1.04 1.78
CA MET A 42 2.48 -0.06 2.76
C MET A 42 0.96 -0.15 2.95
N ARG A 43 0.50 0.04 4.19
CA ARG A 43 -0.93 -0.04 4.47
C ARG A 43 -1.32 0.94 5.58
N CYS A 44 -2.49 1.55 5.42
CA CYS A 44 -3.01 2.48 6.40
C CYS A 44 -3.58 1.73 7.61
N THR A 45 -3.38 2.28 8.80
CA THR A 45 -3.87 1.67 10.02
C THR A 45 -5.19 2.29 10.46
N GLU A 46 -5.96 2.75 9.48
CA GLU A 46 -7.25 3.38 9.76
C GLU A 46 -8.31 2.94 8.75
N CYS A 47 -7.90 2.84 7.48
CA CYS A 47 -8.83 2.44 6.43
C CYS A 47 -8.47 1.05 5.89
N GLY A 48 -7.25 0.60 6.18
CA GLY A 48 -6.82 -0.71 5.72
C GLY A 48 -6.25 -0.68 4.32
N VAL A 49 -6.30 0.49 3.68
CA VAL A 49 -5.77 0.63 2.32
C VAL A 49 -4.32 0.19 2.25
N LYS A 50 -3.95 -0.44 1.14
CA LYS A 50 -2.57 -0.91 0.95
C LYS A 50 -2.00 -0.39 -0.36
N CYS A 51 -0.72 -0.01 -0.31
CA CYS A 51 -0.05 0.51 -1.49
C CYS A 51 1.44 0.16 -1.48
N HIS A 52 2.16 0.56 -2.53
CA HIS A 52 3.58 0.29 -2.62
C HIS A 52 4.36 1.23 -1.71
N GLU A 53 5.68 1.05 -1.66
CA GLU A 53 6.52 1.88 -0.80
C GLU A 53 6.52 3.33 -1.26
N LYS A 54 6.59 3.54 -2.57
CA LYS A 54 6.61 4.90 -3.13
C LYS A 54 5.18 5.39 -3.41
N CYS A 55 4.34 4.48 -3.91
CA CYS A 55 2.96 4.83 -4.23
C CYS A 55 2.22 5.36 -3.00
N GLN A 56 2.74 5.02 -1.81
CA GLN A 56 2.12 5.48 -0.58
C GLN A 56 2.00 7.01 -0.56
N ASP A 57 3.05 7.67 -1.03
CA ASP A 57 3.06 9.13 -1.09
C ASP A 57 2.22 9.61 -2.27
N LEU A 58 2.24 8.83 -3.34
CA LEU A 58 1.48 9.17 -4.54
C LEU A 58 -0.02 9.00 -4.31
N LEU A 59 -0.38 8.05 -3.44
CA LEU A 59 -1.77 7.79 -3.12
C LEU A 59 -2.47 9.05 -2.60
N ASN A 60 -3.75 9.18 -2.92
CA ASN A 60 -4.53 10.34 -2.50
C ASN A 60 -4.81 10.27 -1.00
N ALA A 61 -4.29 11.25 -0.26
CA ALA A 61 -4.49 11.31 1.18
C ALA A 61 -5.80 12.00 1.52
N ASP A 62 -6.43 11.55 2.61
CA ASP A 62 -7.70 12.13 3.05
C ASP A 62 -8.17 11.48 4.34
N CYS A 63 -7.23 11.25 5.25
CA CYS A 63 -7.55 10.62 6.54
C CYS A 63 -7.91 11.69 7.58
N GLN A 13 -3.79 12.53 7.55
CA GLN A 13 -3.58 11.67 6.37
C GLN A 13 -3.51 10.19 6.76
N HIS A 14 -3.53 9.32 5.76
CA HIS A 14 -3.47 7.88 6.00
C HIS A 14 -2.19 7.51 6.73
N ASN A 15 -2.33 6.80 7.85
CA ASN A 15 -1.19 6.37 8.63
C ASN A 15 -0.53 5.15 7.97
N PHE A 16 -0.03 5.35 6.76
CA PHE A 16 0.61 4.29 6.01
C PHE A 16 1.83 3.75 6.74
N GLU A 17 1.76 2.49 7.15
CA GLU A 17 2.86 1.84 7.85
C GLU A 17 3.44 0.72 7.00
N VAL A 18 4.72 0.42 7.21
CA VAL A 18 5.37 -0.64 6.45
C VAL A 18 4.71 -1.98 6.69
N TRP A 19 3.94 -2.44 5.70
CA TRP A 19 3.25 -3.72 5.79
C TRP A 19 3.67 -4.63 4.64
N THR A 20 4.03 -5.87 4.96
CA THR A 20 4.43 -6.83 3.95
C THR A 20 3.25 -7.67 3.49
N ALA A 21 2.95 -7.58 2.19
CA ALA A 21 1.84 -8.34 1.62
C ALA A 21 2.09 -9.84 1.71
N THR A 22 1.34 -10.52 2.56
CA THR A 22 1.47 -11.96 2.72
C THR A 22 0.91 -12.67 1.50
N THR A 23 -0.06 -12.03 0.85
CA THR A 23 -0.70 -12.57 -0.34
C THR A 23 -0.79 -11.49 -1.42
N PRO A 24 -1.00 -11.89 -2.68
CA PRO A 24 -1.11 -10.93 -3.78
C PRO A 24 -2.05 -9.78 -3.46
N THR A 25 -1.48 -8.59 -3.30
CA THR A 25 -2.26 -7.40 -2.97
C THR A 25 -2.00 -6.27 -3.98
N TYR A 26 -3.09 -5.69 -4.49
CA TYR A 26 -2.99 -4.60 -5.45
C TYR A 26 -2.81 -3.25 -4.74
N CYS A 27 -2.23 -2.29 -5.46
CA CYS A 27 -2.00 -0.97 -4.89
C CYS A 27 -3.24 -0.09 -5.06
N TYR A 28 -3.74 0.43 -3.95
CA TYR A 28 -4.91 1.29 -3.97
C TYR A 28 -4.65 2.57 -4.76
N GLU A 29 -3.38 2.86 -5.03
CA GLU A 29 -3.00 4.06 -5.76
C GLU A 29 -2.98 3.83 -7.28
N CYS A 30 -2.19 2.86 -7.73
CA CYS A 30 -2.08 2.57 -9.15
C CYS A 30 -2.68 1.21 -9.51
N GLU A 31 -3.42 0.61 -8.58
CA GLU A 31 -4.04 -0.70 -8.81
C GLU A 31 -3.03 -1.68 -9.40
N GLY A 32 -1.88 -1.80 -8.75
CA GLY A 32 -0.85 -2.71 -9.23
C GLY A 32 -0.42 -3.71 -8.18
N LEU A 33 -0.54 -4.99 -8.52
CA LEU A 33 -0.16 -6.07 -7.62
C LEU A 33 1.21 -5.82 -6.99
N LEU A 34 1.30 -6.04 -5.68
CA LEU A 34 2.55 -5.83 -4.95
C LEU A 34 3.34 -7.14 -4.84
N TRP A 35 3.32 -7.92 -5.92
CA TRP A 35 4.03 -9.20 -5.95
C TRP A 35 5.25 -9.11 -6.86
N GLY A 36 5.84 -10.26 -7.17
CA GLY A 36 7.00 -10.30 -8.03
C GLY A 36 8.26 -10.72 -7.29
N ILE A 37 8.83 -9.79 -6.52
CA ILE A 37 10.04 -10.07 -5.77
C ILE A 37 9.87 -9.67 -4.31
N ALA A 38 9.65 -8.37 -4.09
CA ALA A 38 9.49 -7.86 -2.74
C ALA A 38 8.01 -7.63 -2.41
N ARG A 39 7.38 -8.66 -1.86
CA ARG A 39 5.96 -8.57 -1.50
C ARG A 39 5.70 -7.39 -0.58
N GLN A 40 6.76 -6.91 0.09
CA GLN A 40 6.65 -5.78 1.00
C GLN A 40 5.79 -4.66 0.42
N GLY A 41 5.19 -3.85 1.30
CA GLY A 41 4.35 -2.75 0.86
C GLY A 41 4.03 -1.78 1.98
N MET A 42 3.00 -0.96 1.75
CA MET A 42 2.57 0.01 2.74
C MET A 42 1.06 -0.08 2.96
N ARG A 43 0.62 0.14 4.19
CA ARG A 43 -0.80 0.05 4.50
C ARG A 43 -1.19 1.05 5.58
N CYS A 44 -2.36 1.66 5.42
CA CYS A 44 -2.87 2.63 6.40
C CYS A 44 -3.39 1.91 7.64
N THR A 45 -3.16 2.51 8.80
CA THR A 45 -3.61 1.92 10.06
C THR A 45 -4.92 2.56 10.50
N GLU A 46 -5.73 2.98 9.54
CA GLU A 46 -7.01 3.62 9.83
C GLU A 46 -8.10 3.13 8.87
N CYS A 47 -7.74 2.98 7.60
CA CYS A 47 -8.68 2.53 6.59
C CYS A 47 -8.34 1.13 6.09
N GLY A 48 -7.09 0.73 6.28
CA GLY A 48 -6.67 -0.58 5.85
C GLY A 48 -6.11 -0.59 4.44
N VAL A 49 -6.19 0.57 3.77
CA VAL A 49 -5.69 0.69 2.41
C VAL A 49 -4.23 0.25 2.32
N LYS A 50 -3.86 -0.36 1.19
CA LYS A 50 -2.49 -0.82 1.00
C LYS A 50 -1.93 -0.32 -0.32
N CYS A 51 -0.65 0.05 -0.31
CA CYS A 51 0.01 0.57 -1.50
C CYS A 51 1.50 0.20 -1.51
N HIS A 52 2.19 0.59 -2.57
CA HIS A 52 3.61 0.31 -2.70
C HIS A 52 4.41 1.24 -1.79
N GLU A 53 5.73 1.04 -1.74
CA GLU A 53 6.60 1.86 -0.91
C GLU A 53 6.61 3.31 -1.35
N LYS A 54 6.55 3.54 -2.65
CA LYS A 54 6.56 4.90 -3.19
C LYS A 54 5.14 5.43 -3.35
N CYS A 55 4.23 4.57 -3.80
CA CYS A 55 2.84 4.96 -4.00
C CYS A 55 2.22 5.47 -2.71
N GLN A 56 2.81 5.13 -1.58
CA GLN A 56 2.30 5.58 -0.28
C GLN A 56 2.17 7.10 -0.25
N ASP A 57 3.09 7.77 -0.93
CA ASP A 57 3.08 9.23 -1.01
C ASP A 57 2.26 9.70 -2.20
N LEU A 58 2.28 8.93 -3.27
CA LEU A 58 1.54 9.26 -4.48
C LEU A 58 0.04 9.08 -4.27
N LEU A 59 -0.32 8.14 -3.39
CA LEU A 59 -1.72 7.86 -3.10
C LEU A 59 -2.43 9.11 -2.58
N ASN A 60 -3.70 9.25 -2.95
CA ASN A 60 -4.50 10.40 -2.52
C ASN A 60 -4.71 10.38 -1.01
N ALA A 61 -5.52 11.31 -0.52
CA ALA A 61 -5.81 11.39 0.91
C ALA A 61 -7.30 11.49 1.17
N ASP A 62 -7.76 10.83 2.23
CA ASP A 62 -9.17 10.85 2.59
C ASP A 62 -9.41 10.10 3.89
N CYS A 63 -8.49 10.27 4.85
CA CYS A 63 -8.60 9.61 6.14
C CYS A 63 -9.49 10.41 7.08
N GLN A 13 -3.61 12.73 6.69
CA GLN A 13 -3.08 11.73 5.72
C GLN A 13 -3.19 10.31 6.25
N HIS A 14 -3.34 9.35 5.34
CA HIS A 14 -3.47 7.95 5.72
C HIS A 14 -2.25 7.49 6.52
N ASN A 15 -2.49 6.84 7.65
CA ASN A 15 -1.41 6.34 8.48
C ASN A 15 -0.76 5.12 7.83
N PHE A 16 -0.16 5.34 6.67
CA PHE A 16 0.48 4.26 5.93
C PHE A 16 1.71 3.74 6.68
N GLU A 17 1.63 2.48 7.08
CA GLU A 17 2.74 1.83 7.79
C GLU A 17 3.33 0.71 6.95
N VAL A 18 4.59 0.39 7.19
CA VAL A 18 5.25 -0.67 6.45
C VAL A 18 4.57 -2.02 6.66
N TRP A 19 3.83 -2.46 5.65
CA TRP A 19 3.11 -3.73 5.73
C TRP A 19 3.58 -4.65 4.61
N THR A 20 3.88 -5.90 4.94
CA THR A 20 4.32 -6.87 3.96
C THR A 20 3.16 -7.72 3.47
N ALA A 21 2.88 -7.65 2.17
CA ALA A 21 1.80 -8.41 1.57
C ALA A 21 2.07 -9.91 1.64
N THR A 22 1.32 -10.61 2.48
CA THR A 22 1.49 -12.05 2.62
C THR A 22 0.98 -12.77 1.37
N THR A 23 -0.01 -12.15 0.73
CA THR A 23 -0.59 -12.70 -0.49
C THR A 23 -0.70 -11.60 -1.55
N PRO A 24 -0.87 -11.98 -2.83
CA PRO A 24 -0.98 -11.02 -3.93
C PRO A 24 -1.96 -9.89 -3.60
N THR A 25 -1.43 -8.69 -3.41
CA THR A 25 -2.26 -7.53 -3.09
C THR A 25 -2.01 -6.39 -4.07
N TYR A 26 -3.10 -5.78 -4.55
CA TYR A 26 -3.01 -4.68 -5.50
C TYR A 26 -2.82 -3.35 -4.77
N CYS A 27 -2.25 -2.38 -5.47
CA CYS A 27 -2.02 -1.06 -4.89
C CYS A 27 -3.23 -0.15 -5.08
N TYR A 28 -3.80 0.33 -3.98
CA TYR A 28 -4.96 1.20 -4.02
C TYR A 28 -4.67 2.48 -4.81
N GLU A 29 -3.38 2.77 -5.01
CA GLU A 29 -2.97 3.97 -5.74
C GLU A 29 -2.99 3.76 -7.25
N CYS A 30 -2.23 2.78 -7.73
CA CYS A 30 -2.16 2.49 -9.16
C CYS A 30 -2.75 1.13 -9.52
N GLU A 31 -3.48 0.53 -8.59
CA GLU A 31 -4.09 -0.78 -8.81
C GLU A 31 -3.08 -1.76 -9.41
N GLY A 32 -1.92 -1.87 -8.78
CA GLY A 32 -0.89 -2.77 -9.27
C GLY A 32 -0.43 -3.78 -8.24
N LEU A 33 -0.55 -5.06 -8.58
CA LEU A 33 -0.14 -6.14 -7.69
C LEU A 33 1.23 -5.86 -7.06
N LEU A 34 1.33 -6.02 -5.75
CA LEU A 34 2.58 -5.79 -5.04
C LEU A 34 3.36 -7.09 -4.89
N TRP A 35 3.41 -7.87 -5.96
CA TRP A 35 4.14 -9.14 -5.95
C TRP A 35 5.40 -9.05 -6.79
N GLY A 36 5.97 -7.84 -6.87
CA GLY A 36 7.18 -7.64 -7.64
C GLY A 36 8.43 -7.91 -6.84
N ILE A 37 8.78 -9.19 -6.69
CA ILE A 37 9.97 -9.59 -5.94
C ILE A 37 9.77 -9.35 -4.44
N ALA A 38 9.68 -8.08 -4.07
CA ALA A 38 9.50 -7.71 -2.67
C ALA A 38 8.04 -7.51 -2.33
N ARG A 39 7.39 -8.58 -1.87
CA ARG A 39 5.98 -8.52 -1.50
C ARG A 39 5.69 -7.34 -0.57
N GLN A 40 6.72 -6.89 0.14
CA GLN A 40 6.59 -5.76 1.07
C GLN A 40 5.79 -4.61 0.44
N GLY A 41 5.14 -3.83 1.30
CA GLY A 41 4.35 -2.70 0.84
C GLY A 41 4.01 -1.73 1.95
N MET A 42 2.96 -0.95 1.72
CA MET A 42 2.51 0.03 2.71
C MET A 42 1.00 -0.08 2.92
N ARG A 43 0.54 0.13 4.14
CA ARG A 43 -0.88 0.04 4.44
C ARG A 43 -1.29 1.03 5.52
N CYS A 44 -2.45 1.63 5.35
CA CYS A 44 -2.97 2.60 6.32
C CYS A 44 -3.52 1.88 7.55
N THR A 45 -3.31 2.47 8.72
CA THR A 45 -3.79 1.88 9.96
C THR A 45 -5.10 2.53 10.39
N GLU A 46 -5.88 2.96 9.41
CA GLU A 46 -7.17 3.61 9.67
C GLU A 46 -8.23 3.11 8.70
N CYS A 47 -7.86 2.95 7.44
CA CYS A 47 -8.80 2.49 6.42
C CYS A 47 -8.42 1.09 5.92
N GLY A 48 -7.19 0.68 6.19
CA GLY A 48 -6.74 -0.63 5.76
C GLY A 48 -6.18 -0.62 4.35
N VAL A 49 -6.24 0.53 3.70
CA VAL A 49 -5.74 0.67 2.33
C VAL A 49 -4.28 0.22 2.24
N LYS A 50 -3.91 -0.38 1.13
CA LYS A 50 -2.54 -0.85 0.93
C LYS A 50 -1.97 -0.33 -0.39
N CYS A 51 -0.70 0.05 -0.36
CA CYS A 51 -0.02 0.56 -1.56
C CYS A 51 1.46 0.21 -1.55
N HIS A 52 2.15 0.59 -2.60
CA HIS A 52 3.59 0.33 -2.72
C HIS A 52 4.37 1.27 -1.80
N GLU A 53 5.68 1.06 -1.74
CA GLU A 53 6.55 1.88 -0.89
C GLU A 53 6.56 3.35 -1.35
N LYS A 54 6.54 3.56 -2.66
CA LYS A 54 6.55 4.91 -3.21
C LYS A 54 5.14 5.45 -3.41
N CYS A 55 4.22 4.55 -3.76
CA CYS A 55 2.83 4.95 -3.99
C CYS A 55 2.20 5.50 -2.71
N GLN A 56 2.80 5.18 -1.56
CA GLN A 56 2.29 5.67 -0.28
C GLN A 56 2.15 7.18 -0.29
N ASP A 57 3.07 7.85 -1.00
CA ASP A 57 3.05 9.30 -1.10
C ASP A 57 2.21 9.73 -2.30
N LEU A 58 2.28 8.94 -3.37
CA LEU A 58 1.53 9.24 -4.59
C LEU A 58 0.03 9.08 -4.35
N LEU A 59 -0.33 8.17 -3.45
CA LEU A 59 -1.73 7.91 -3.13
C LEU A 59 -2.43 9.18 -2.64
N ASN A 60 -3.74 9.25 -2.88
CA ASN A 60 -4.52 10.41 -2.47
C ASN A 60 -4.87 10.33 -0.98
N ALA A 61 -4.56 11.39 -0.25
CA ALA A 61 -4.84 11.43 1.19
C ALA A 61 -6.28 11.86 1.45
N ASP A 62 -6.85 11.35 2.53
CA ASP A 62 -8.23 11.67 2.90
C ASP A 62 -8.61 11.02 4.22
N CYS A 63 -7.67 11.01 5.15
CA CYS A 63 -7.91 10.40 6.46
C CYS A 63 -8.12 11.48 7.52
N GLN A 13 -3.41 12.78 6.55
CA GLN A 13 -2.95 11.76 5.57
C GLN A 13 -3.04 10.36 6.16
N HIS A 14 -3.19 9.36 5.28
CA HIS A 14 -3.29 7.97 5.72
C HIS A 14 -2.06 7.55 6.52
N ASN A 15 -2.29 6.88 7.64
CA ASN A 15 -1.20 6.41 8.49
C ASN A 15 -0.54 5.19 7.87
N PHE A 16 0.01 5.37 6.68
CA PHE A 16 0.66 4.28 5.96
C PHE A 16 1.86 3.73 6.74
N GLU A 17 1.80 2.44 7.03
CA GLU A 17 2.88 1.77 7.75
C GLU A 17 3.46 0.64 6.91
N VAL A 18 4.73 0.32 7.14
CA VAL A 18 5.38 -0.74 6.39
C VAL A 18 4.71 -2.09 6.63
N TRP A 19 3.96 -2.54 5.63
CA TRP A 19 3.25 -3.82 5.73
C TRP A 19 3.67 -4.73 4.58
N THR A 20 4.03 -5.97 4.90
CA THR A 20 4.44 -6.93 3.88
C THR A 20 3.25 -7.75 3.41
N ALA A 21 2.96 -7.67 2.12
CA ALA A 21 1.85 -8.41 1.53
C ALA A 21 2.07 -9.91 1.65
N THR A 22 1.29 -10.57 2.51
CA THR A 22 1.41 -12.01 2.69
C THR A 22 0.88 -12.73 1.46
N THR A 23 -0.02 -12.07 0.74
CA THR A 23 -0.60 -12.62 -0.47
C THR A 23 -0.73 -11.53 -1.54
N PRO A 24 -0.86 -11.92 -2.82
CA PRO A 24 -0.99 -10.95 -3.91
C PRO A 24 -1.94 -9.81 -3.57
N THR A 25 -1.39 -8.61 -3.41
CA THR A 25 -2.20 -7.44 -3.08
C THR A 25 -1.95 -6.30 -4.09
N TYR A 26 -3.03 -5.67 -4.54
CA TYR A 26 -2.95 -4.58 -5.51
C TYR A 26 -2.77 -3.23 -4.79
N CYS A 27 -2.20 -2.27 -5.51
CA CYS A 27 -1.98 -0.94 -4.96
C CYS A 27 -3.22 -0.07 -5.12
N TYR A 28 -3.69 0.49 -4.01
CA TYR A 28 -4.87 1.36 -4.03
C TYR A 28 -4.61 2.64 -4.84
N GLU A 29 -3.34 2.88 -5.16
CA GLU A 29 -2.96 4.08 -5.90
C GLU A 29 -2.96 3.83 -7.41
N CYS A 30 -2.16 2.86 -7.85
CA CYS A 30 -2.06 2.54 -9.28
C CYS A 30 -2.65 1.18 -9.61
N GLU A 31 -3.34 0.56 -8.65
CA GLU A 31 -3.95 -0.75 -8.87
C GLU A 31 -2.94 -1.73 -9.45
N GLY A 32 -1.77 -1.82 -8.81
CA GLY A 32 -0.73 -2.71 -9.28
C GLY A 32 -0.28 -3.71 -8.23
N LEU A 33 -0.43 -5.00 -8.56
CA LEU A 33 -0.05 -6.08 -7.66
C LEU A 33 1.32 -5.83 -7.06
N LEU A 34 1.43 -5.99 -5.73
CA LEU A 34 2.69 -5.80 -5.03
C LEU A 34 3.43 -7.12 -4.89
N TRP A 35 3.47 -7.89 -5.97
CA TRP A 35 4.15 -9.18 -5.98
C TRP A 35 5.37 -9.14 -6.89
N GLY A 36 5.90 -10.32 -7.21
CA GLY A 36 7.07 -10.41 -8.07
C GLY A 36 8.31 -10.86 -7.31
N ILE A 37 8.87 -9.95 -6.53
CA ILE A 37 10.06 -10.25 -5.75
C ILE A 37 9.89 -9.83 -4.30
N ALA A 38 9.68 -8.54 -4.07
CA ALA A 38 9.50 -8.03 -2.73
C ALA A 38 8.03 -7.77 -2.43
N ARG A 39 7.36 -8.79 -1.88
CA ARG A 39 5.95 -8.68 -1.54
C ARG A 39 5.69 -7.48 -0.63
N GLN A 40 6.74 -7.02 0.04
CA GLN A 40 6.63 -5.88 0.96
C GLN A 40 5.75 -4.77 0.38
N GLY A 41 5.16 -3.98 1.26
CA GLY A 41 4.29 -2.89 0.83
C GLY A 41 3.95 -1.93 1.96
N MET A 42 3.03 -1.02 1.69
CA MET A 42 2.60 -0.04 2.67
C MET A 42 1.10 -0.15 2.90
N ARG A 43 0.66 0.08 4.14
CA ARG A 43 -0.76 -0.01 4.46
C ARG A 43 -1.14 0.99 5.55
N CYS A 44 -2.31 1.61 5.38
CA CYS A 44 -2.80 2.57 6.35
C CYS A 44 -3.34 1.86 7.59
N THR A 45 -3.10 2.46 8.75
CA THR A 45 -3.57 1.88 10.01
C THR A 45 -4.88 2.51 10.45
N GLU A 46 -5.67 2.94 9.47
CA GLU A 46 -6.95 3.57 9.75
C GLU A 46 -8.03 3.08 8.78
N CYS A 47 -7.66 2.96 7.52
CA CYS A 47 -8.60 2.50 6.50
C CYS A 47 -8.22 1.13 5.97
N GLY A 48 -6.97 0.74 6.20
CA GLY A 48 -6.50 -0.56 5.73
C GLY A 48 -5.98 -0.51 4.31
N VAL A 49 -6.06 0.65 3.67
CA VAL A 49 -5.59 0.82 2.30
C VAL A 49 -4.13 0.41 2.18
N LYS A 50 -3.82 -0.39 1.17
CA LYS A 50 -2.45 -0.86 0.95
C LYS A 50 -1.90 -0.32 -0.37
N CYS A 51 -0.63 0.06 -0.35
CA CYS A 51 0.03 0.61 -1.54
C CYS A 51 1.51 0.26 -1.54
N HIS A 52 2.21 0.67 -2.61
CA HIS A 52 3.63 0.42 -2.74
C HIS A 52 4.42 1.37 -1.82
N GLU A 53 5.74 1.20 -1.80
CA GLU A 53 6.60 2.03 -0.95
C GLU A 53 6.56 3.49 -1.40
N LYS A 54 6.50 3.72 -2.71
CA LYS A 54 6.47 5.07 -3.25
C LYS A 54 5.04 5.58 -3.39
N CYS A 55 4.16 4.71 -3.88
CA CYS A 55 2.76 5.07 -4.07
C CYS A 55 2.12 5.56 -2.78
N GLN A 56 2.72 5.22 -1.64
CA GLN A 56 2.20 5.65 -0.34
C GLN A 56 2.02 7.16 -0.31
N ASP A 57 2.93 7.88 -0.95
CA ASP A 57 2.87 9.33 -1.01
C ASP A 57 2.04 9.79 -2.21
N LEU A 58 2.14 9.05 -3.31
CA LEU A 58 1.40 9.38 -4.52
C LEU A 58 -0.10 9.14 -4.33
N LEU A 59 -0.43 8.20 -3.46
CA LEU A 59 -1.82 7.87 -3.19
C LEU A 59 -2.61 9.09 -2.72
N ASN A 60 -3.92 9.06 -2.92
CA ASN A 60 -4.78 10.17 -2.50
C ASN A 60 -5.08 10.09 -1.01
N ALA A 61 -4.92 11.22 -0.33
CA ALA A 61 -5.18 11.28 1.10
C ALA A 61 -6.63 11.63 1.40
N ASP A 62 -7.16 11.07 2.48
CA ASP A 62 -8.55 11.34 2.86
C ASP A 62 -8.88 10.65 4.18
N CYS A 63 -7.93 10.67 5.11
CA CYS A 63 -8.12 10.05 6.42
C CYS A 63 -8.75 11.02 7.40
N GLN A 13 -3.58 12.79 6.39
CA GLN A 13 -2.87 11.79 5.55
C GLN A 13 -3.00 10.39 6.15
N HIS A 14 -3.12 9.39 5.27
CA HIS A 14 -3.25 8.00 5.70
C HIS A 14 -2.04 7.57 6.51
N ASN A 15 -2.29 6.86 7.61
CA ASN A 15 -1.22 6.38 8.47
C ASN A 15 -0.54 5.17 7.83
N PHE A 16 0.07 5.40 6.67
CA PHE A 16 0.75 4.34 5.94
C PHE A 16 1.88 3.73 6.75
N GLU A 17 1.79 2.43 6.99
CA GLU A 17 2.80 1.72 7.75
C GLU A 17 3.38 0.58 6.91
N VAL A 18 4.64 0.25 7.16
CA VAL A 18 5.30 -0.82 6.41
C VAL A 18 4.60 -2.16 6.63
N TRP A 19 3.86 -2.60 5.62
CA TRP A 19 3.14 -3.86 5.70
C TRP A 19 3.54 -4.77 4.53
N THR A 20 3.89 -6.01 4.86
CA THR A 20 4.30 -6.97 3.85
C THR A 20 3.12 -7.85 3.45
N ALA A 21 2.72 -7.76 2.18
CA ALA A 21 1.60 -8.54 1.67
C ALA A 21 1.89 -10.04 1.72
N THR A 22 1.20 -10.75 2.60
CA THR A 22 1.39 -12.19 2.72
C THR A 22 0.86 -12.90 1.48
N THR A 23 -0.08 -12.25 0.80
CA THR A 23 -0.68 -12.80 -0.41
C THR A 23 -0.80 -11.71 -1.47
N PRO A 24 -0.93 -12.10 -2.76
CA PRO A 24 -1.05 -11.14 -3.86
C PRO A 24 -2.05 -10.03 -3.55
N THR A 25 -1.56 -8.81 -3.40
CA THR A 25 -2.41 -7.66 -3.10
C THR A 25 -2.13 -6.51 -4.07
N TYR A 26 -3.19 -5.89 -4.57
CA TYR A 26 -3.07 -4.78 -5.52
C TYR A 26 -2.88 -3.45 -4.78
N CYS A 27 -2.28 -2.49 -5.46
CA CYS A 27 -2.04 -1.16 -4.90
C CYS A 27 -3.26 -0.26 -5.09
N TYR A 28 -3.81 0.23 -4.00
CA TYR A 28 -4.98 1.11 -4.05
C TYR A 28 -4.67 2.38 -4.86
N GLU A 29 -3.39 2.66 -5.06
CA GLU A 29 -2.97 3.86 -5.79
C GLU A 29 -2.95 3.62 -7.29
N CYS A 30 -2.18 2.63 -7.75
CA CYS A 30 -2.07 2.34 -9.17
C CYS A 30 -2.68 0.99 -9.53
N GLU A 31 -3.44 0.41 -8.60
CA GLU A 31 -4.08 -0.89 -8.83
C GLU A 31 -3.08 -1.89 -9.41
N GLY A 32 -1.92 -2.00 -8.79
CA GLY A 32 -0.91 -2.93 -9.27
C GLY A 32 -0.45 -3.91 -8.21
N LEU A 33 -0.56 -5.19 -8.54
CA LEU A 33 -0.16 -6.27 -7.62
C LEU A 33 1.20 -5.97 -6.99
N LEU A 34 1.29 -6.18 -5.68
CA LEU A 34 2.53 -5.94 -4.95
C LEU A 34 3.35 -7.22 -4.83
N TRP A 35 3.36 -8.01 -5.90
CA TRP A 35 4.10 -9.27 -5.92
C TRP A 35 5.33 -9.17 -6.81
N GLY A 36 5.97 -8.01 -6.80
CA GLY A 36 7.16 -7.80 -7.61
C GLY A 36 8.44 -7.96 -6.82
N ILE A 37 8.90 -9.20 -6.68
CA ILE A 37 10.12 -9.50 -5.95
C ILE A 37 9.93 -9.25 -4.45
N ALA A 38 9.79 -7.98 -4.08
CA ALA A 38 9.61 -7.63 -2.67
C ALA A 38 8.14 -7.49 -2.33
N ARG A 39 7.55 -8.59 -1.86
CA ARG A 39 6.14 -8.61 -1.48
C ARG A 39 5.81 -7.46 -0.53
N GLN A 40 6.83 -6.95 0.17
CA GLN A 40 6.66 -5.85 1.10
C GLN A 40 5.79 -4.74 0.51
N GLY A 41 5.12 -3.99 1.38
CA GLY A 41 4.26 -2.90 0.92
C GLY A 41 3.89 -1.94 2.03
N MET A 42 3.00 -1.02 1.73
CA MET A 42 2.55 -0.03 2.70
C MET A 42 1.05 -0.12 2.91
N ARG A 43 0.59 0.10 4.14
CA ARG A 43 -0.83 0.03 4.45
C ARG A 43 -1.21 1.04 5.52
N CYS A 44 -2.38 1.65 5.36
CA CYS A 44 -2.89 2.62 6.32
C CYS A 44 -3.43 1.92 7.56
N THR A 45 -3.24 2.53 8.72
CA THR A 45 -3.71 1.96 9.98
C THR A 45 -5.04 2.60 10.40
N GLU A 46 -5.82 3.00 9.40
CA GLU A 46 -7.11 3.63 9.67
C GLU A 46 -8.17 3.16 8.67
N CYS A 47 -7.77 3.04 7.40
CA CYS A 47 -8.69 2.62 6.36
C CYS A 47 -8.35 1.20 5.88
N GLY A 48 -7.13 0.76 6.16
CA GLY A 48 -6.71 -0.56 5.74
C GLY A 48 -6.15 -0.58 4.33
N VAL A 49 -6.21 0.56 3.65
CA VAL A 49 -5.70 0.67 2.29
C VAL A 49 -4.24 0.23 2.21
N LYS A 50 -3.88 -0.44 1.13
CA LYS A 50 -2.51 -0.91 0.94
C LYS A 50 -1.95 -0.41 -0.38
N CYS A 51 -0.67 -0.03 -0.36
CA CYS A 51 -0.01 0.47 -1.56
C CYS A 51 1.48 0.12 -1.54
N HIS A 52 2.18 0.49 -2.62
CA HIS A 52 3.61 0.24 -2.73
C HIS A 52 4.39 1.21 -1.84
N GLU A 53 5.69 1.01 -1.76
CA GLU A 53 6.55 1.87 -0.94
C GLU A 53 6.57 3.30 -1.48
N LYS A 54 6.47 3.43 -2.80
CA LYS A 54 6.49 4.75 -3.44
C LYS A 54 5.07 5.30 -3.57
N CYS A 55 4.15 4.45 -4.00
CA CYS A 55 2.76 4.84 -4.18
C CYS A 55 2.14 5.35 -2.88
N GLN A 56 2.69 4.89 -1.75
CA GLN A 56 2.17 5.30 -0.46
C GLN A 56 2.21 6.82 -0.31
N ASP A 57 3.16 7.45 -1.01
CA ASP A 57 3.29 8.90 -0.98
C ASP A 57 2.47 9.54 -2.09
N LEU A 58 2.33 8.81 -3.20
CA LEU A 58 1.58 9.32 -4.35
C LEU A 58 0.08 9.20 -4.10
N LEU A 59 -0.31 8.18 -3.33
CA LEU A 59 -1.73 7.95 -3.03
C LEU A 59 -2.35 9.18 -2.37
N ASN A 60 -3.59 9.46 -2.73
CA ASN A 60 -4.31 10.61 -2.17
C ASN A 60 -4.45 10.48 -0.66
N ALA A 61 -5.23 11.37 -0.06
CA ALA A 61 -5.44 11.35 1.38
C ALA A 61 -6.92 11.52 1.72
N ASP A 62 -7.37 10.78 2.73
CA ASP A 62 -8.77 10.85 3.15
C ASP A 62 -8.92 10.41 4.60
N CYS A 63 -7.96 10.81 5.44
CA CYS A 63 -7.98 10.46 6.85
C CYS A 63 -8.33 11.67 7.70
N GLN A 13 -4.21 12.59 6.65
CA GLN A 13 -3.62 11.65 5.66
C GLN A 13 -3.60 10.23 6.20
N HIS A 14 -3.65 9.25 5.29
CA HIS A 14 -3.64 7.85 5.67
C HIS A 14 -2.38 7.51 6.45
N ASN A 15 -2.54 6.83 7.58
CA ASN A 15 -1.41 6.43 8.41
C ASN A 15 -0.73 5.21 7.80
N PHE A 16 -0.19 5.39 6.60
CA PHE A 16 0.49 4.32 5.89
C PHE A 16 1.70 3.82 6.65
N GLU A 17 1.73 2.53 6.92
CA GLU A 17 2.82 1.90 7.64
C GLU A 17 3.42 0.76 6.81
N VAL A 18 4.68 0.46 7.05
CA VAL A 18 5.36 -0.61 6.31
C VAL A 18 4.70 -1.95 6.56
N TRP A 19 3.95 -2.44 5.58
CA TRP A 19 3.27 -3.72 5.69
C TRP A 19 3.70 -4.64 4.55
N THR A 20 4.00 -5.89 4.89
CA THR A 20 4.41 -6.87 3.89
C THR A 20 3.23 -7.72 3.44
N ALA A 21 2.94 -7.69 2.14
CA ALA A 21 1.85 -8.45 1.58
C ALA A 21 2.10 -9.95 1.68
N THR A 22 1.35 -10.62 2.55
CA THR A 22 1.51 -12.06 2.73
C THR A 22 0.96 -12.79 1.51
N THR A 23 0.03 -12.14 0.81
CA THR A 23 -0.58 -12.69 -0.40
C THR A 23 -0.68 -11.62 -1.46
N PRO A 24 -0.84 -12.01 -2.74
CA PRO A 24 -0.95 -11.05 -3.85
C PRO A 24 -1.93 -9.93 -3.54
N THR A 25 -1.41 -8.72 -3.35
CA THR A 25 -2.26 -7.57 -3.05
C THR A 25 -2.02 -6.43 -4.06
N TYR A 26 -3.11 -5.82 -4.50
CA TYR A 26 -3.03 -4.72 -5.47
C TYR A 26 -2.83 -3.38 -4.75
N CYS A 27 -2.27 -2.41 -5.47
CA CYS A 27 -2.03 -1.09 -4.90
C CYS A 27 -3.23 -0.17 -5.12
N TYR A 28 -3.81 0.30 -4.02
CA TYR A 28 -4.97 1.19 -4.10
C TYR A 28 -4.65 2.47 -4.88
N GLU A 29 -3.36 2.76 -5.03
CA GLU A 29 -2.92 3.95 -5.74
C GLU A 29 -2.89 3.75 -7.26
N CYS A 30 -2.12 2.76 -7.71
CA CYS A 30 -2.00 2.49 -9.14
C CYS A 30 -2.61 1.14 -9.53
N GLU A 31 -3.37 0.55 -8.62
CA GLU A 31 -4.02 -0.74 -8.87
C GLU A 31 -3.02 -1.74 -9.46
N GLY A 32 -1.87 -1.89 -8.80
CA GLY A 32 -0.86 -2.80 -9.28
C GLY A 32 -0.41 -3.80 -8.23
N LEU A 33 -0.53 -5.08 -8.54
CA LEU A 33 -0.14 -6.16 -7.63
C LEU A 33 1.24 -5.89 -7.02
N LEU A 34 1.34 -6.07 -5.71
CA LEU A 34 2.60 -5.85 -5.01
C LEU A 34 3.37 -7.16 -4.87
N TRP A 35 3.40 -7.93 -5.96
CA TRP A 35 4.10 -9.21 -5.97
C TRP A 35 5.33 -9.15 -6.89
N GLY A 36 5.87 -10.32 -7.21
CA GLY A 36 7.04 -10.37 -8.07
C GLY A 36 8.30 -10.80 -7.33
N ILE A 37 8.82 -9.90 -6.51
CA ILE A 37 10.02 -10.19 -5.74
C ILE A 37 9.86 -9.76 -4.29
N ALA A 38 9.63 -8.46 -4.08
CA ALA A 38 9.46 -7.92 -2.73
C ALA A 38 7.99 -7.68 -2.43
N ARG A 39 7.34 -8.70 -1.87
CA ARG A 39 5.93 -8.61 -1.52
C ARG A 39 5.66 -7.39 -0.61
N GLN A 40 6.71 -6.92 0.06
CA GLN A 40 6.61 -5.77 0.96
C GLN A 40 5.71 -4.67 0.38
N GLY A 41 5.16 -3.84 1.26
CA GLY A 41 4.29 -2.76 0.82
C GLY A 41 3.92 -1.82 1.94
N MET A 42 2.97 -0.93 1.67
CA MET A 42 2.51 0.04 2.66
C MET A 42 1.02 -0.10 2.89
N ARG A 43 0.57 0.14 4.12
CA ARG A 43 -0.85 0.02 4.44
C ARG A 43 -1.26 1.04 5.49
N CYS A 44 -2.46 1.60 5.34
CA CYS A 44 -2.98 2.57 6.29
C CYS A 44 -3.53 1.86 7.53
N THR A 45 -3.28 2.45 8.69
CA THR A 45 -3.75 1.86 9.94
C THR A 45 -5.06 2.52 10.38
N GLU A 46 -5.85 2.94 9.40
CA GLU A 46 -7.13 3.58 9.67
C GLU A 46 -8.22 3.07 8.75
N CYS A 47 -7.87 2.88 7.47
CA CYS A 47 -8.83 2.39 6.48
C CYS A 47 -8.47 0.99 6.01
N GLY A 48 -7.20 0.63 6.15
CA GLY A 48 -6.76 -0.69 5.73
C GLY A 48 -6.20 -0.68 4.32
N VAL A 49 -6.28 0.45 3.64
CA VAL A 49 -5.76 0.58 2.28
C VAL A 49 -4.30 0.16 2.21
N LYS A 50 -3.91 -0.47 1.10
CA LYS A 50 -2.55 -0.91 0.92
C LYS A 50 -1.98 -0.40 -0.40
N CYS A 51 -0.71 0.01 -0.38
CA CYS A 51 -0.05 0.53 -1.57
C CYS A 51 1.44 0.20 -1.55
N HIS A 52 2.14 0.59 -2.60
CA HIS A 52 3.57 0.36 -2.70
C HIS A 52 4.32 1.33 -1.80
N GLU A 53 5.65 1.26 -1.84
CA GLU A 53 6.49 2.13 -1.00
C GLU A 53 6.49 3.56 -1.53
N LYS A 54 6.45 3.72 -2.85
CA LYS A 54 6.45 5.04 -3.46
C LYS A 54 5.03 5.55 -3.66
N CYS A 55 4.12 4.64 -3.97
CA CYS A 55 2.72 5.00 -4.19
C CYS A 55 2.06 5.49 -2.91
N GLN A 56 2.60 5.07 -1.76
CA GLN A 56 2.05 5.48 -0.48
C GLN A 56 2.08 7.00 -0.34
N ASP A 57 3.04 7.63 -1.00
CA ASP A 57 3.17 9.09 -0.97
C ASP A 57 2.32 9.71 -2.07
N LEU A 58 2.22 9.02 -3.20
CA LEU A 58 1.44 9.51 -4.34
C LEU A 58 -0.05 9.34 -4.09
N LEU A 59 -0.41 8.31 -3.33
CA LEU A 59 -1.81 8.02 -3.03
C LEU A 59 -2.48 9.23 -2.37
N ASN A 60 -3.76 9.42 -2.67
CA ASN A 60 -4.53 10.52 -2.10
C ASN A 60 -4.61 10.40 -0.58
N ALA A 61 -5.38 11.29 0.03
CA ALA A 61 -5.56 11.28 1.48
C ALA A 61 -6.94 11.80 1.87
N ASP A 62 -7.52 11.21 2.90
CA ASP A 62 -8.83 11.63 3.39
C ASP A 62 -9.12 11.05 4.76
N CYS A 63 -8.09 11.04 5.62
CA CYS A 63 -8.23 10.52 6.97
C CYS A 63 -8.55 11.64 7.96
N GLN A 13 -3.48 12.76 6.11
CA GLN A 13 -2.89 11.67 5.28
C GLN A 13 -3.06 10.31 5.96
N HIS A 14 -3.26 9.28 5.14
CA HIS A 14 -3.43 7.92 5.66
C HIS A 14 -2.21 7.51 6.48
N ASN A 15 -2.46 6.80 7.58
CA ASN A 15 -1.39 6.32 8.43
C ASN A 15 -0.69 5.13 7.78
N PHE A 16 -0.09 5.37 6.62
CA PHE A 16 0.59 4.33 5.89
C PHE A 16 1.76 3.75 6.68
N GLU A 17 1.67 2.48 7.01
CA GLU A 17 2.72 1.79 7.76
C GLU A 17 3.33 0.69 6.92
N VAL A 18 4.61 0.38 7.17
CA VAL A 18 5.29 -0.67 6.42
C VAL A 18 4.63 -2.02 6.65
N TRP A 19 3.90 -2.48 5.63
CA TRP A 19 3.22 -3.77 5.70
C TRP A 19 3.64 -4.65 4.53
N THR A 20 4.02 -5.89 4.84
CA THR A 20 4.44 -6.83 3.81
C THR A 20 3.27 -7.70 3.37
N ALA A 21 2.92 -7.61 2.09
CA ALA A 21 1.82 -8.39 1.54
C ALA A 21 2.11 -9.88 1.63
N THR A 22 1.37 -10.57 2.50
CA THR A 22 1.55 -12.02 2.65
C THR A 22 1.00 -12.75 1.44
N THR A 23 0.04 -12.11 0.77
CA THR A 23 -0.58 -12.67 -0.42
C THR A 23 -0.72 -11.59 -1.50
N PRO A 24 -0.86 -11.98 -2.77
CA PRO A 24 -1.00 -11.04 -3.88
C PRO A 24 -1.99 -9.91 -3.56
N THR A 25 -1.47 -8.70 -3.41
CA THR A 25 -2.31 -7.54 -3.11
C THR A 25 -2.05 -6.40 -4.10
N TYR A 26 -3.13 -5.76 -4.53
CA TYR A 26 -3.05 -4.65 -5.47
C TYR A 26 -2.87 -3.31 -4.75
N CYS A 27 -2.29 -2.34 -5.46
CA CYS A 27 -2.06 -1.01 -4.88
C CYS A 27 -3.27 -0.12 -5.09
N TYR A 28 -3.82 0.39 -4.00
CA TYR A 28 -4.98 1.28 -4.06
C TYR A 28 -4.66 2.55 -4.84
N GLU A 29 -3.38 2.83 -5.03
CA GLU A 29 -2.94 4.01 -5.75
C GLU A 29 -2.94 3.81 -7.27
N CYS A 30 -2.19 2.81 -7.73
CA CYS A 30 -2.10 2.54 -9.17
C CYS A 30 -2.68 1.16 -9.52
N GLU A 31 -3.44 0.58 -8.60
CA GLU A 31 -4.05 -0.73 -8.84
C GLU A 31 -3.04 -1.72 -9.43
N GLY A 32 -1.89 -1.84 -8.76
CA GLY A 32 -0.86 -2.75 -9.24
C GLY A 32 -0.41 -3.75 -8.19
N LEU A 33 -0.52 -5.02 -8.52
CA LEU A 33 -0.14 -6.10 -7.62
C LEU A 33 1.23 -5.83 -7.00
N LEU A 34 1.35 -6.08 -5.69
CA LEU A 34 2.60 -5.85 -4.98
C LEU A 34 3.40 -7.16 -4.88
N TRP A 35 3.39 -7.93 -5.96
CA TRP A 35 4.11 -9.20 -6.00
C TRP A 35 5.33 -9.11 -6.91
N GLY A 36 5.91 -10.25 -7.24
CA GLY A 36 7.08 -10.27 -8.10
C GLY A 36 8.34 -10.66 -7.36
N ILE A 37 8.89 -9.73 -6.60
CA ILE A 37 10.11 -9.97 -5.83
C ILE A 37 9.95 -9.55 -4.38
N ALA A 38 9.69 -8.26 -4.17
CA ALA A 38 9.51 -7.75 -2.82
C ALA A 38 8.04 -7.56 -2.48
N ARG A 39 7.44 -8.60 -1.92
CA ARG A 39 6.03 -8.56 -1.54
C ARG A 39 5.75 -7.39 -0.60
N GLN A 40 6.80 -6.89 0.06
CA GLN A 40 6.67 -5.76 0.99
C GLN A 40 5.76 -4.66 0.42
N GLY A 41 5.15 -3.89 1.31
CA GLY A 41 4.27 -2.83 0.88
C GLY A 41 3.92 -1.87 2.01
N MET A 42 2.94 -1.00 1.75
CA MET A 42 2.49 -0.03 2.74
C MET A 42 0.99 -0.15 2.96
N ARG A 43 0.54 0.06 4.20
CA ARG A 43 -0.88 -0.04 4.51
C ARG A 43 -1.27 0.95 5.61
N CYS A 44 -2.46 1.53 5.45
CA CYS A 44 -2.99 2.48 6.43
C CYS A 44 -3.56 1.74 7.63
N THR A 45 -3.41 2.31 8.82
CA THR A 45 -3.93 1.69 10.03
C THR A 45 -5.24 2.32 10.44
N GLU A 46 -6.01 2.76 9.45
CA GLU A 46 -7.29 3.39 9.69
C GLU A 46 -8.34 2.93 8.68
N CYS A 47 -7.93 2.82 7.43
CA CYS A 47 -8.84 2.39 6.36
C CYS A 47 -8.48 1.00 5.85
N GLY A 48 -7.26 0.57 6.15
CA GLY A 48 -6.81 -0.74 5.71
C GLY A 48 -6.22 -0.72 4.31
N VAL A 49 -6.30 0.43 3.65
CA VAL A 49 -5.77 0.57 2.30
C VAL A 49 -4.31 0.17 2.24
N LYS A 50 -3.92 -0.47 1.14
CA LYS A 50 -2.54 -0.92 0.97
C LYS A 50 -1.97 -0.39 -0.35
N CYS A 51 -0.70 -0.01 -0.32
CA CYS A 51 -0.03 0.53 -1.50
C CYS A 51 1.46 0.19 -1.50
N HIS A 52 2.15 0.58 -2.56
CA HIS A 52 3.58 0.33 -2.66
C HIS A 52 4.35 1.30 -1.78
N GLU A 53 5.68 1.16 -1.75
CA GLU A 53 6.53 2.02 -0.93
C GLU A 53 6.38 3.49 -1.32
N LYS A 54 6.68 3.79 -2.58
CA LYS A 54 6.59 5.16 -3.08
C LYS A 54 5.14 5.59 -3.27
N CYS A 55 4.30 4.66 -3.72
CA CYS A 55 2.90 4.95 -3.96
C CYS A 55 2.21 5.48 -2.69
N GLN A 56 2.79 5.18 -1.54
CA GLN A 56 2.23 5.63 -0.26
C GLN A 56 2.04 7.14 -0.26
N ASP A 57 2.96 7.85 -0.90
CA ASP A 57 2.90 9.30 -0.98
C ASP A 57 2.06 9.75 -2.17
N LEU A 58 2.14 8.98 -3.26
CA LEU A 58 1.39 9.30 -4.47
C LEU A 58 -0.11 9.04 -4.26
N LEU A 59 -0.42 8.07 -3.40
CA LEU A 59 -1.80 7.72 -3.12
C LEU A 59 -2.57 8.93 -2.59
N ASN A 60 -3.88 8.94 -2.86
CA ASN A 60 -4.74 10.04 -2.42
C ASN A 60 -4.97 9.97 -0.91
N ALA A 61 -4.72 11.09 -0.23
CA ALA A 61 -4.90 11.15 1.22
C ALA A 61 -6.32 11.58 1.57
N ASP A 62 -6.83 11.07 2.69
CA ASP A 62 -8.18 11.41 3.15
C ASP A 62 -8.40 10.90 4.58
N CYS A 63 -7.38 11.04 5.41
CA CYS A 63 -7.46 10.59 6.79
C CYS A 63 -7.27 11.77 7.75
N GLN A 13 -4.24 12.45 6.82
CA GLN A 13 -3.56 11.53 5.87
C GLN A 13 -3.57 10.10 6.40
N HIS A 14 -3.46 9.14 5.48
CA HIS A 14 -3.47 7.73 5.84
C HIS A 14 -2.22 7.37 6.63
N ASN A 15 -2.41 6.69 7.75
CA ASN A 15 -1.30 6.26 8.59
C ASN A 15 -0.59 5.07 7.95
N PHE A 16 0.01 5.32 6.78
CA PHE A 16 0.70 4.28 6.05
C PHE A 16 1.88 3.72 6.83
N GLU A 17 1.89 2.40 7.00
CA GLU A 17 2.94 1.72 7.72
C GLU A 17 3.51 0.58 6.87
N VAL A 18 4.76 0.22 7.12
CA VAL A 18 5.40 -0.85 6.38
C VAL A 18 4.68 -2.18 6.59
N TRP A 19 3.93 -2.61 5.58
CA TRP A 19 3.20 -3.86 5.66
C TRP A 19 3.60 -4.78 4.50
N THR A 20 3.87 -6.04 4.81
CA THR A 20 4.24 -7.01 3.79
C THR A 20 3.06 -7.87 3.39
N ALA A 21 2.65 -7.77 2.13
CA ALA A 21 1.52 -8.54 1.63
C ALA A 21 1.82 -10.03 1.64
N THR A 22 1.05 -10.79 2.41
CA THR A 22 1.22 -12.23 2.49
C THR A 22 0.65 -12.90 1.24
N THR A 23 -0.34 -12.23 0.65
CA THR A 23 -0.98 -12.73 -0.57
C THR A 23 -1.07 -11.61 -1.61
N PRO A 24 -1.20 -11.96 -2.89
CA PRO A 24 -1.28 -10.99 -3.98
C PRO A 24 -2.25 -9.85 -3.65
N THR A 25 -1.71 -8.65 -3.45
CA THR A 25 -2.52 -7.48 -3.12
C THR A 25 -2.21 -6.32 -4.07
N TYR A 26 -3.26 -5.71 -4.60
CA TYR A 26 -3.12 -4.59 -5.53
C TYR A 26 -2.93 -3.28 -4.78
N CYS A 27 -2.31 -2.31 -5.45
CA CYS A 27 -2.07 -0.99 -4.86
C CYS A 27 -3.28 -0.09 -5.03
N TYR A 28 -3.81 0.40 -3.92
CA TYR A 28 -4.98 1.29 -3.95
C TYR A 28 -4.66 2.59 -4.70
N GLU A 29 -3.38 2.84 -4.93
CA GLU A 29 -2.96 4.06 -5.61
C GLU A 29 -2.91 3.87 -7.13
N CYS A 30 -2.12 2.91 -7.59
CA CYS A 30 -1.97 2.65 -9.01
C CYS A 30 -2.66 1.35 -9.44
N GLU A 31 -3.36 0.71 -8.51
CA GLU A 31 -4.05 -0.54 -8.81
C GLU A 31 -3.10 -1.57 -9.42
N GLY A 32 -1.95 -1.75 -8.77
CA GLY A 32 -0.97 -2.69 -9.27
C GLY A 32 -0.53 -3.70 -8.22
N LEU A 33 -0.64 -4.98 -8.57
CA LEU A 33 -0.26 -6.07 -7.67
C LEU A 33 1.09 -5.81 -7.04
N LEU A 34 1.18 -6.03 -5.73
CA LEU A 34 2.43 -5.82 -4.99
C LEU A 34 3.21 -7.12 -4.87
N TRP A 35 3.22 -7.90 -5.95
CA TRP A 35 3.93 -9.17 -5.97
C TRP A 35 5.17 -9.09 -6.84
N GLY A 36 5.76 -7.89 -6.93
CA GLY A 36 6.95 -7.71 -7.73
C GLY A 36 8.22 -7.99 -6.96
N ILE A 37 8.57 -9.27 -6.84
CA ILE A 37 9.76 -9.68 -6.12
C ILE A 37 9.61 -9.43 -4.62
N ALA A 38 9.59 -8.16 -4.23
CA ALA A 38 9.45 -7.80 -2.82
C ALA A 38 7.98 -7.62 -2.45
N ARG A 39 7.36 -8.68 -1.96
CA ARG A 39 5.96 -8.63 -1.56
C ARG A 39 5.69 -7.48 -0.60
N GLN A 40 6.75 -7.00 0.07
CA GLN A 40 6.63 -5.89 1.02
C GLN A 40 5.79 -4.76 0.44
N GLY A 41 5.19 -3.96 1.31
CA GLY A 41 4.37 -2.85 0.87
C GLY A 41 4.02 -1.89 2.00
N MET A 42 3.02 -1.06 1.76
CA MET A 42 2.57 -0.08 2.75
C MET A 42 1.07 -0.21 2.98
N ARG A 43 0.63 0.00 4.22
CA ARG A 43 -0.79 -0.10 4.54
C ARG A 43 -1.19 0.91 5.60
N CYS A 44 -2.39 1.47 5.45
CA CYS A 44 -2.90 2.44 6.40
C CYS A 44 -3.45 1.74 7.64
N THR A 45 -3.22 2.34 8.81
CA THR A 45 -3.69 1.76 10.06
C THR A 45 -5.01 2.41 10.49
N GLU A 46 -5.80 2.82 9.50
CA GLU A 46 -7.08 3.46 9.78
C GLU A 46 -8.16 2.98 8.81
N CYS A 47 -7.80 2.82 7.54
CA CYS A 47 -8.74 2.38 6.53
C CYS A 47 -8.38 0.98 6.01
N GLY A 48 -7.13 0.60 6.19
CA GLY A 48 -6.68 -0.71 5.73
C GLY A 48 -6.11 -0.67 4.33
N VAL A 49 -6.17 0.50 3.68
CA VAL A 49 -5.65 0.65 2.34
C VAL A 49 -4.20 0.21 2.25
N LYS A 50 -3.84 -0.44 1.16
CA LYS A 50 -2.47 -0.92 0.97
C LYS A 50 -1.89 -0.40 -0.34
N CYS A 51 -0.63 -0.01 -0.31
CA CYS A 51 0.05 0.51 -1.49
C CYS A 51 1.53 0.17 -1.47
N HIS A 52 2.24 0.56 -2.53
CA HIS A 52 3.67 0.32 -2.62
C HIS A 52 4.44 1.29 -1.73
N GLU A 53 5.76 1.14 -1.69
CA GLU A 53 6.60 1.99 -0.87
C GLU A 53 6.60 3.43 -1.38
N LYS A 54 6.54 3.58 -2.69
CA LYS A 54 6.55 4.91 -3.31
C LYS A 54 5.13 5.43 -3.49
N CYS A 55 4.26 4.57 -4.03
CA CYS A 55 2.87 4.94 -4.27
C CYS A 55 2.16 5.33 -2.97
N GLN A 56 2.69 4.88 -1.84
CA GLN A 56 2.10 5.19 -0.54
C GLN A 56 2.03 6.70 -0.34
N ASP A 57 3.00 7.41 -0.93
CA ASP A 57 3.06 8.86 -0.83
C ASP A 57 2.27 9.51 -1.96
N LEU A 58 2.22 8.82 -3.10
CA LEU A 58 1.50 9.31 -4.27
C LEU A 58 -0.01 9.14 -4.10
N LEU A 59 -0.40 8.14 -3.32
CA LEU A 59 -1.81 7.86 -3.08
C LEU A 59 -2.53 9.10 -2.55
N ASN A 60 -3.80 9.25 -2.94
CA ASN A 60 -4.61 10.38 -2.51
C ASN A 60 -5.11 10.17 -1.09
N ALA A 61 -4.85 11.15 -0.22
CA ALA A 61 -5.29 11.07 1.16
C ALA A 61 -6.80 11.17 1.27
N ASP A 62 -7.37 10.53 2.29
CA ASP A 62 -8.80 10.54 2.51
C ASP A 62 -9.17 9.91 3.85
N CYS A 63 -8.35 10.19 4.87
CA CYS A 63 -8.58 9.64 6.20
C CYS A 63 -9.47 10.56 7.02
#